data_9EKH
#
_entry.id   9EKH
#
_cell.length_a   1.00
_cell.length_b   1.00
_cell.length_c   1.00
_cell.angle_alpha   90.00
_cell.angle_beta   90.00
_cell.angle_gamma   90.00
#
_symmetry.space_group_name_H-M   'P 1'
#
loop_
_entity.id
_entity.type
_entity.pdbx_description
1 polymer 'Prostaglandin D2 receptor,Soluble cytochrome b562'
2 polymer 'anti-BRIL Fab Heavy Chain'
3 polymer 'anti-Fab Nanobody'
4 polymer 'anti-BRIL Fab Light Chain'
5 non-polymer 2-acetamido-2-deoxy-beta-D-glucopyranose
6 non-polymer '1-[2-chloro-5-(2,6-dimethyl-4-{[(2S)-4-methyl-3,4-dihydro-2H-1,4-benzoxazin-2-yl]methoxy}benzamido)phenyl]cyclopropane-1-carboxylic acid'
#
loop_
_entity_poly.entity_id
_entity_poly.type
_entity_poly.pdbx_seq_one_letter_code
_entity_poly.pdbx_strand_id
1 'polypeptide(L)'
;MKTIIALSYIFCLVFADYKDDDDGAPMKSPFYRCQNTTSVEKGNSAVMGGVLFSTGLLGNLLALGLLARSGLGWCSRRPL
RPLPSVFYMLVCGLTVTDLLGKCLLSPVVLAAYAQNRSLRVLAPALDNSLCQAFAFFMSFFGLSSTLQLLAMALERWLSL
GHPFFYRRHITLRLGALVAPVVSAFSLAFCALPFMGFGKFVQYCPGTWCFIQMVHEEGSLSVLGYSVLYSSLMALLVLAT
VLCNLGAMRNLYAMHRRLQADLEDNWETLNDNLKVIEKADNAAQVKDALTKMRAAALDAQKATPPKLEDKSPDSPEMKDF
RHGFDILVGQIDDALKLANEGKVKEAQAAAEQLKTTRNAYIQKYLERARSTLLEELDALLLLALMTVLFTMCSLPVIYRA
YYGAFKDVKEKNRTSEEAEDLRALRFLSVISIVNPWIFIIFRSPVFRIFFHKIFIRPLRYRSRCSNSTNMESSLGRPLEV
LFQGPHHHHHHHHHH
;
A
2 'polypeptide(L)'
;EISEVQLVESGGGLVQPGGSLRLSCAASGFNVVDFSLHWVRQAPGKGLEWVAYISSSSGSTSYADSVKGRFTISADTSKN
TAYLQMNSLRAEDTAVYYCARWGYWPGEPWWKAFDYWGQGTLVTVSSASTKGPSVFPLAPSSKSTSGGTAALGCLVKDYF
PEPVTVSWNSGALTSGVHTFPAVLQSSGLYSLSSVVTVPSSSLGTQTYICNVNHKPSNTKVDKKVEPKS
;
H
3 'polypeptide(L)'
;GSQVQLQESGGGLVQPGGSLRLSCAASGRTISRYAMSWFRQAPGKEREFVAVARRSGDGAFYADSVQGRFTVSRDDAKNT
VYLQMNSLKPEDTAVYYCAIDSDTFYSGSYDYWGQGTQVTVSS
;
K
4 'polypeptide(L)'
;SDIQMTQSPSSLSASVGDRVTITCRASQSVSSAVAWYQQKPGKAPKLLIYSASSLYSGVPSRFSGSRSGTDFTLTISSLQ
PEDFATYYCQQYLYYSLVTFGQGTKVEIKRTVAAPSVFIFPPSDSQLKSGTASVVCLLNNFYPREAKVQWKVDNALQSGN
SQESVTEQDSKDSTYSLSSTLTLSKADYEKHKVYACEVTHQGLSSPVTKSFNRG
;
L
#
loop_
_chem_comp.id
_chem_comp.type
_chem_comp.name
_chem_comp.formula
A1BI8 non-polymer '1-[2-chloro-5-(2,6-dimethyl-4-{[(2S)-4-methyl-3,4-dihydro-2H-1,4-benzoxazin-2-yl]methoxy}benzamido)phenyl]cyclopropane-1-carboxylic acid' 'C29 H29 Cl N2 O5'
NAG D-saccharide, beta linking 2-acetamido-2-deoxy-beta-D-glucopyranose 'C8 H15 N O6'
#
# COMPACT_ATOMS: atom_id res chain seq x y z
N SER A 29 62.32 -23.15 39.64
CA SER A 29 60.96 -23.15 40.18
C SER A 29 59.92 -23.38 39.08
N PRO A 30 59.77 -24.63 38.64
CA PRO A 30 58.77 -24.92 37.61
C PRO A 30 57.36 -24.69 38.13
N PHE A 31 56.46 -24.35 37.20
CA PHE A 31 55.10 -24.03 37.58
C PHE A 31 54.36 -25.25 38.14
N TYR A 32 54.55 -26.41 37.53
CA TYR A 32 53.85 -27.63 37.92
C TYR A 32 54.73 -28.47 38.83
N ARG A 33 54.30 -28.67 40.08
CA ARG A 33 55.06 -29.50 40.99
C ARG A 33 55.04 -30.95 40.57
N CYS A 34 53.89 -31.44 40.12
CA CYS A 34 53.65 -32.87 39.92
C CYS A 34 54.04 -33.34 38.53
N GLN A 35 55.00 -32.67 37.90
CA GLN A 35 55.43 -33.05 36.56
C GLN A 35 56.17 -34.38 36.55
N ASN A 36 56.95 -34.67 37.58
CA ASN A 36 57.74 -35.90 37.65
C ASN A 36 57.29 -36.83 38.77
N THR A 37 56.14 -36.58 39.38
CA THR A 37 55.68 -37.40 40.49
C THR A 37 55.38 -38.82 40.02
N THR A 38 55.81 -39.81 40.81
CA THR A 38 55.69 -41.21 40.44
C THR A 38 54.75 -41.99 41.35
N SER A 39 53.90 -41.31 42.11
CA SER A 39 52.99 -41.99 43.02
C SER A 39 51.75 -41.13 43.23
N VAL A 40 50.69 -41.77 43.72
CA VAL A 40 49.40 -41.11 43.93
C VAL A 40 48.92 -41.44 45.34
N GLU A 41 48.41 -40.43 46.04
CA GLU A 41 47.77 -40.63 47.34
C GLU A 41 46.54 -39.73 47.42
N LYS A 42 45.36 -40.32 47.50
CA LYS A 42 44.11 -39.56 47.50
C LYS A 42 43.03 -40.39 48.20
N GLY A 43 41.78 -39.96 48.08
CA GLY A 43 40.67 -40.49 48.84
C GLY A 43 39.80 -41.54 48.19
N ASN A 44 40.41 -42.58 47.58
CA ASN A 44 39.73 -43.80 47.08
C ASN A 44 38.48 -43.50 46.24
N SER A 45 38.57 -42.48 45.39
CA SER A 45 37.46 -42.10 44.52
C SER A 45 37.40 -42.89 43.22
N ALA A 46 38.06 -44.05 43.15
CA ALA A 46 37.97 -44.86 41.94
C ALA A 46 36.56 -45.45 41.76
N VAL A 47 35.87 -45.74 42.85
CA VAL A 47 34.51 -46.27 42.76
C VAL A 47 33.56 -45.23 42.17
N MET A 48 33.78 -43.94 42.46
CA MET A 48 32.99 -42.89 41.84
C MET A 48 33.20 -42.86 40.33
N GLY A 49 34.44 -43.04 39.88
CA GLY A 49 34.69 -43.15 38.46
C GLY A 49 34.00 -44.34 37.85
N GLY A 50 33.99 -45.47 38.57
CA GLY A 50 33.29 -46.64 38.09
C GLY A 50 31.79 -46.42 37.94
N VAL A 51 31.17 -45.79 38.93
CA VAL A 51 29.72 -45.58 38.87
C VAL A 51 29.36 -44.56 37.80
N LEU A 52 30.19 -43.52 37.62
CA LEU A 52 29.91 -42.54 36.57
C LEU A 52 30.06 -43.17 35.19
N PHE A 53 31.10 -43.97 35.01
CA PHE A 53 31.29 -44.67 33.73
C PHE A 53 30.16 -45.66 33.48
N SER A 54 29.67 -46.33 34.54
CA SER A 54 28.55 -47.25 34.39
C SER A 54 27.28 -46.54 33.98
N THR A 55 27.00 -45.38 34.60
CA THR A 55 25.82 -44.61 34.22
C THR A 55 25.92 -44.13 32.79
N GLY A 56 27.09 -43.66 32.37
CA GLY A 56 27.27 -43.24 31.00
C GLY A 56 27.10 -44.39 30.01
N LEU A 57 27.61 -45.57 30.36
CA LEU A 57 27.49 -46.73 29.48
C LEU A 57 26.05 -47.16 29.33
N LEU A 58 25.30 -47.22 30.44
CA LEU A 58 23.89 -47.63 30.34
C LEU A 58 23.06 -46.58 29.61
N GLY A 59 23.35 -45.30 29.83
CA GLY A 59 22.65 -44.27 29.07
C GLY A 59 22.91 -44.36 27.57
N ASN A 60 24.18 -44.53 27.19
CA ASN A 60 24.53 -44.66 25.78
C ASN A 60 23.88 -45.90 25.17
N LEU A 61 23.91 -47.02 25.88
CA LEU A 61 23.39 -48.26 25.33
C LEU A 61 21.87 -48.21 25.21
N LEU A 62 21.18 -47.66 26.21
CA LEU A 62 19.73 -47.52 26.13
C LEU A 62 19.33 -46.55 25.02
N ALA A 63 20.07 -45.45 24.85
CA ALA A 63 19.76 -44.50 23.79
C ALA A 63 19.99 -45.10 22.42
N LEU A 64 21.07 -45.86 22.26
CA LEU A 64 21.32 -46.50 20.97
C LEU A 64 20.36 -47.65 20.72
N GLY A 65 19.78 -48.23 21.77
CA GLY A 65 18.74 -49.20 21.57
C GLY A 65 17.44 -48.56 21.14
N LEU A 66 16.96 -47.59 21.92
CA LEU A 66 15.62 -47.05 21.85
C LEU A 66 15.22 -46.54 20.48
N LEU A 67 15.82 -45.45 20.01
CA LEU A 67 15.40 -44.93 18.72
C LEU A 67 15.87 -45.80 17.57
N ALA A 68 17.15 -46.20 17.59
CA ALA A 68 17.71 -46.91 16.45
C ALA A 68 17.06 -48.28 16.23
N ARG A 69 16.32 -48.80 17.21
CA ARG A 69 15.57 -50.02 17.00
C ARG A 69 14.07 -49.75 16.85
N SER A 70 13.44 -49.06 17.81
CA SER A 70 11.99 -48.88 17.74
C SER A 70 11.61 -47.78 16.76
N GLY A 71 12.22 -46.61 16.85
CA GLY A 71 11.87 -45.52 15.97
C GLY A 71 12.20 -45.80 14.52
N LEU A 72 13.31 -46.51 14.28
CA LEU A 72 13.71 -46.91 12.95
C LEU A 72 14.59 -48.15 13.00
N SER A 85 15.13 -38.95 8.26
CA SER A 85 15.63 -37.58 8.23
C SER A 85 17.15 -37.56 8.20
N VAL A 86 17.72 -36.42 7.82
CA VAL A 86 19.16 -36.24 7.86
C VAL A 86 19.63 -35.79 9.24
N PHE A 87 18.73 -35.28 10.07
CA PHE A 87 19.04 -34.94 11.45
C PHE A 87 19.48 -36.17 12.24
N TYR A 88 18.74 -37.27 12.08
CA TYR A 88 18.93 -38.42 12.94
C TYR A 88 20.16 -39.24 12.59
N MET A 89 20.59 -39.22 11.33
CA MET A 89 21.86 -39.87 10.98
C MET A 89 23.03 -39.19 11.70
N LEU A 90 23.02 -37.85 11.73
CA LEU A 90 24.04 -37.10 12.45
C LEU A 90 23.97 -37.35 13.95
N VAL A 91 22.76 -37.44 14.50
CA VAL A 91 22.62 -37.76 15.92
C VAL A 91 23.19 -39.14 16.23
N CYS A 92 22.94 -40.12 15.35
CA CYS A 92 23.48 -41.46 15.54
C CYS A 92 25.01 -41.46 15.53
N GLY A 93 25.59 -40.74 14.57
CA GLY A 93 27.05 -40.63 14.53
C GLY A 93 27.61 -39.99 15.79
N LEU A 94 26.93 -38.96 16.29
CA LEU A 94 27.38 -38.31 17.52
C LEU A 94 27.37 -39.27 18.69
N THR A 95 26.31 -40.07 18.81
CA THR A 95 26.21 -41.01 19.93
C THR A 95 27.29 -42.08 19.87
N VAL A 96 27.57 -42.61 18.68
CA VAL A 96 28.58 -43.67 18.61
C VAL A 96 29.99 -43.11 18.86
N THR A 97 30.27 -41.89 18.39
CA THR A 97 31.55 -41.26 18.68
C THR A 97 31.73 -41.03 20.18
N ASP A 98 30.68 -40.57 20.86
CA ASP A 98 30.73 -40.38 22.30
C ASP A 98 30.95 -41.70 23.03
N LEU A 99 30.30 -42.77 22.58
CA LEU A 99 30.45 -44.07 23.22
C LEU A 99 31.89 -44.57 23.11
N LEU A 100 32.50 -44.44 21.92
CA LEU A 100 33.90 -44.84 21.79
C LEU A 100 34.86 -43.94 22.57
N GLY A 101 34.47 -42.70 22.86
CA GLY A 101 35.28 -41.92 23.77
C GLY A 101 35.24 -42.41 25.21
N LYS A 102 34.03 -42.66 25.71
CA LYS A 102 33.88 -43.17 27.08
C LYS A 102 34.54 -44.53 27.26
N CYS A 103 34.38 -45.45 26.32
CA CYS A 103 34.91 -46.80 26.49
C CYS A 103 36.43 -46.84 26.44
N LEU A 104 37.08 -45.76 26.03
CA LEU A 104 38.53 -45.73 25.91
C LEU A 104 39.21 -44.90 26.97
N LEU A 105 38.67 -43.75 27.37
CA LEU A 105 39.50 -42.90 28.22
C LEU A 105 39.26 -43.10 29.72
N SER A 106 38.02 -43.23 30.16
CA SER A 106 37.75 -43.46 31.58
C SER A 106 38.41 -44.71 32.15
N PRO A 107 38.52 -45.84 31.43
CA PRO A 107 39.30 -46.97 31.97
C PRO A 107 40.74 -46.62 32.38
N VAL A 108 41.44 -45.77 31.64
CA VAL A 108 42.84 -45.50 31.96
C VAL A 108 42.97 -44.72 33.25
N VAL A 109 42.16 -43.65 33.41
CA VAL A 109 42.18 -42.88 34.65
C VAL A 109 41.79 -43.76 35.82
N LEU A 110 40.77 -44.60 35.64
CA LEU A 110 40.34 -45.47 36.72
C LEU A 110 41.40 -46.50 37.10
N ALA A 111 42.08 -47.06 36.10
CA ALA A 111 43.12 -48.05 36.39
C ALA A 111 44.32 -47.41 37.08
N ALA A 112 44.73 -46.22 36.65
CA ALA A 112 45.85 -45.55 37.31
C ALA A 112 45.50 -45.18 38.74
N TYR A 113 44.28 -44.68 38.96
CA TYR A 113 43.85 -44.31 40.30
C TYR A 113 43.64 -45.53 41.18
N ALA A 114 43.36 -46.69 40.57
CA ALA A 114 43.10 -47.91 41.33
C ALA A 114 44.37 -48.67 41.68
N GLN A 115 45.34 -48.73 40.78
CA GLN A 115 46.62 -49.36 41.09
C GLN A 115 47.49 -48.51 42.00
N ASN A 116 46.95 -47.38 42.49
CA ASN A 116 47.60 -46.53 43.48
C ASN A 116 48.93 -45.99 42.95
N ARG A 117 48.93 -45.57 41.68
CA ARG A 117 50.13 -45.14 41.00
C ARG A 117 49.82 -43.93 40.12
N SER A 118 50.87 -43.19 39.77
CA SER A 118 50.77 -42.10 38.82
C SER A 118 50.70 -42.62 37.39
N LEU A 119 50.33 -41.73 36.48
CA LEU A 119 50.09 -42.13 35.10
C LEU A 119 51.38 -42.49 34.37
N ARG A 120 52.53 -42.03 34.87
CA ARG A 120 53.82 -42.45 34.35
C ARG A 120 54.29 -43.78 34.89
N VAL A 121 53.68 -44.28 35.97
CA VAL A 121 54.09 -45.52 36.60
C VAL A 121 53.00 -46.59 36.55
N LEU A 122 51.80 -46.26 36.08
CA LEU A 122 50.72 -47.24 35.97
C LEU A 122 51.13 -48.43 35.11
N ALA A 123 51.60 -48.18 33.90
CA ALA A 123 52.01 -49.25 33.00
C ALA A 123 53.52 -49.23 32.83
N PRO A 124 54.25 -50.22 33.34
CA PRO A 124 55.72 -50.17 33.22
C PRO A 124 56.23 -50.28 31.79
N ALA A 125 55.47 -50.88 30.88
CA ALA A 125 55.94 -51.06 29.52
C ALA A 125 56.01 -49.75 28.75
N LEU A 126 55.28 -48.73 29.21
CA LEU A 126 55.27 -47.42 28.56
C LEU A 126 55.02 -46.36 29.62
N ASP A 127 55.98 -45.46 29.82
CA ASP A 127 55.87 -44.48 30.90
C ASP A 127 55.34 -43.13 30.42
N ASN A 128 55.97 -42.55 29.40
CA ASN A 128 55.53 -41.25 28.89
C ASN A 128 54.49 -41.38 27.79
N SER A 129 54.51 -42.50 27.06
CA SER A 129 53.59 -42.69 25.96
C SER A 129 52.14 -42.71 26.43
N LEU A 130 51.89 -43.21 27.63
CA LEU A 130 50.53 -43.20 28.17
C LEU A 130 50.03 -41.77 28.36
N CYS A 131 50.87 -40.90 28.91
CA CYS A 131 50.48 -39.50 29.10
C CYS A 131 50.26 -38.80 27.76
N GLN A 132 51.18 -39.03 26.81
CA GLN A 132 51.03 -38.41 25.50
C GLN A 132 49.75 -38.86 24.81
N ALA A 133 49.47 -40.17 24.82
CA ALA A 133 48.28 -40.69 24.17
C ALA A 133 47.01 -40.22 24.85
N PHE A 134 47.02 -40.15 26.19
CA PHE A 134 45.86 -39.67 26.93
C PHE A 134 45.51 -38.24 26.54
N ALA A 135 46.51 -37.35 26.57
CA ALA A 135 46.25 -35.95 26.22
C ALA A 135 45.84 -35.81 24.76
N PHE A 136 46.48 -36.57 23.87
CA PHE A 136 46.19 -36.49 22.44
C PHE A 136 44.76 -36.89 22.15
N PHE A 137 44.31 -38.00 22.75
CA PHE A 137 42.94 -38.47 22.50
C PHE A 137 41.91 -37.56 23.13
N MET A 138 42.20 -37.00 24.32
CA MET A 138 41.27 -36.04 24.91
C MET A 138 41.03 -34.85 24.00
N SER A 139 42.12 -34.24 23.51
CA SER A 139 41.98 -33.08 22.63
C SER A 139 41.27 -33.44 21.33
N PHE A 140 41.62 -34.59 20.75
CA PHE A 140 41.05 -34.99 19.46
C PHE A 140 39.54 -35.20 19.56
N PHE A 141 39.10 -35.94 20.58
CA PHE A 141 37.67 -36.17 20.74
C PHE A 141 36.92 -34.87 21.02
N GLY A 142 37.51 -34.00 21.85
CA GLY A 142 36.87 -32.74 22.16
C GLY A 142 36.67 -31.86 20.95
N LEU A 143 37.63 -31.86 20.01
CA LEU A 143 37.45 -31.06 18.80
C LEU A 143 36.45 -31.69 17.83
N SER A 144 36.55 -33.01 17.63
CA SER A 144 35.70 -33.65 16.62
C SER A 144 34.23 -33.59 16.99
N SER A 145 33.91 -33.74 18.28
CA SER A 145 32.51 -33.68 18.70
C SER A 145 31.91 -32.30 18.42
N THR A 146 32.69 -31.24 18.67
CA THR A 146 32.20 -29.88 18.43
C THR A 146 31.99 -29.63 16.94
N LEU A 147 32.88 -30.17 16.10
CA LEU A 147 32.67 -30.03 14.65
C LEU A 147 31.38 -30.71 14.21
N GLN A 148 31.09 -31.90 14.77
CA GLN A 148 29.85 -32.59 14.42
C GLN A 148 28.62 -31.79 14.84
N LEU A 149 28.64 -31.21 16.04
CA LEU A 149 27.49 -30.41 16.49
C LEU A 149 27.29 -29.17 15.61
N LEU A 150 28.39 -28.53 15.20
CA LEU A 150 28.29 -27.39 14.28
C LEU A 150 27.65 -27.80 12.96
N ALA A 151 28.05 -28.96 12.42
CA ALA A 151 27.46 -29.44 11.18
C ALA A 151 25.96 -29.67 11.33
N MET A 152 25.55 -30.25 12.47
CA MET A 152 24.12 -30.43 12.74
C MET A 152 23.36 -29.13 12.69
N ALA A 153 23.83 -28.12 13.43
CA ALA A 153 23.12 -26.85 13.49
C ALA A 153 23.06 -26.16 12.13
N LEU A 154 24.18 -26.18 11.39
CA LEU A 154 24.22 -25.54 10.08
C LEU A 154 23.26 -26.21 9.11
N GLU A 155 23.23 -27.55 9.12
CA GLU A 155 22.31 -28.27 8.23
C GLU A 155 20.85 -27.96 8.55
N ARG A 156 20.49 -27.92 9.84
CA ARG A 156 19.10 -27.64 10.16
C ARG A 156 18.71 -26.22 9.79
N TRP A 157 19.62 -25.25 10.00
CA TRP A 157 19.33 -23.87 9.62
C TRP A 157 19.12 -23.75 8.11
N LEU A 158 20.01 -24.38 7.32
CA LEU A 158 19.86 -24.32 5.88
C LEU A 158 18.58 -25.01 5.42
N SER A 159 18.23 -26.13 6.04
CA SER A 159 17.01 -26.85 5.65
C SER A 159 15.76 -26.03 5.94
N LEU A 160 15.69 -25.41 7.12
CA LEU A 160 14.49 -24.67 7.49
C LEU A 160 14.37 -23.35 6.73
N GLY A 161 15.50 -22.67 6.51
CA GLY A 161 15.45 -21.36 5.88
C GLY A 161 15.24 -21.39 4.38
N HIS A 162 16.18 -21.99 3.65
CA HIS A 162 16.18 -21.97 2.19
C HIS A 162 15.89 -23.35 1.64
N PRO A 163 14.65 -23.64 1.22
CA PRO A 163 14.31 -25.02 0.86
C PRO A 163 14.86 -25.47 -0.49
N PHE A 164 15.05 -24.55 -1.44
CA PHE A 164 15.49 -24.95 -2.77
C PHE A 164 16.94 -25.42 -2.75
N PHE A 165 17.81 -24.64 -2.10
CA PHE A 165 19.21 -25.04 -1.97
C PHE A 165 19.35 -26.33 -1.17
N TYR A 166 18.55 -26.47 -0.12
CA TYR A 166 18.58 -27.68 0.70
C TYR A 166 18.15 -28.89 -0.11
N ARG A 167 17.09 -28.75 -0.90
CA ARG A 167 16.59 -29.89 -1.66
C ARG A 167 17.51 -30.25 -2.82
N ARG A 168 18.26 -29.27 -3.33
CA ARG A 168 19.04 -29.49 -4.55
C ARG A 168 20.12 -30.56 -4.35
N HIS A 169 20.98 -30.40 -3.34
CA HIS A 169 22.12 -31.31 -3.24
C HIS A 169 22.46 -31.69 -1.80
N ILE A 170 21.48 -31.81 -0.92
CA ILE A 170 21.68 -32.33 0.44
C ILE A 170 20.80 -33.56 0.63
N THR A 171 21.43 -34.70 0.88
CA THR A 171 20.74 -35.98 0.94
C THR A 171 21.31 -36.79 2.11
N LEU A 172 21.02 -38.10 2.12
CA LEU A 172 21.55 -38.98 3.15
C LEU A 172 23.01 -39.33 2.95
N ARG A 173 23.56 -39.12 1.74
CA ARG A 173 25.00 -39.29 1.56
C ARG A 173 25.77 -38.23 2.34
N LEU A 174 25.31 -36.98 2.30
CA LEU A 174 25.92 -35.93 3.11
C LEU A 174 25.81 -36.24 4.59
N GLY A 175 24.63 -36.67 5.05
CA GLY A 175 24.46 -37.03 6.45
C GLY A 175 25.19 -38.29 6.85
N ALA A 176 25.63 -39.09 5.88
CA ALA A 176 26.40 -40.29 6.16
C ALA A 176 27.91 -40.08 6.08
N LEU A 177 28.36 -39.00 5.45
CA LEU A 177 29.79 -38.74 5.29
C LEU A 177 30.22 -37.46 6.02
N VAL A 178 29.77 -37.28 7.25
CA VAL A 178 30.17 -36.14 8.07
C VAL A 178 31.23 -36.55 9.10
N ALA A 179 30.93 -37.58 9.88
CA ALA A 179 31.82 -38.02 10.95
C ALA A 179 33.20 -38.45 10.46
N PRO A 180 33.35 -39.27 9.40
CA PRO A 180 34.72 -39.59 8.94
C PRO A 180 35.53 -38.38 8.54
N VAL A 181 34.91 -37.41 7.86
CA VAL A 181 35.65 -36.25 7.38
C VAL A 181 36.09 -35.37 8.54
N VAL A 182 35.17 -35.06 9.47
CA VAL A 182 35.56 -34.18 10.57
C VAL A 182 36.52 -34.88 11.52
N SER A 183 36.35 -36.19 11.72
CA SER A 183 37.27 -36.91 12.60
C SER A 183 38.66 -36.99 11.99
N ALA A 184 38.76 -37.21 10.68
CA ALA A 184 40.07 -37.22 10.04
C ALA A 184 40.73 -35.85 10.12
N PHE A 185 39.95 -34.78 9.93
CA PHE A 185 40.53 -33.44 10.03
C PHE A 185 41.04 -33.16 11.43
N SER A 186 40.26 -33.51 12.46
CA SER A 186 40.69 -33.23 13.83
C SER A 186 41.89 -34.09 14.22
N LEU A 187 41.93 -35.34 13.75
CA LEU A 187 43.06 -36.20 14.06
C LEU A 187 44.33 -35.75 13.34
N ALA A 188 44.19 -35.12 12.17
CA ALA A 188 45.36 -34.50 11.55
C ALA A 188 45.75 -33.20 12.24
N PHE A 189 44.79 -32.47 12.78
CA PHE A 189 45.08 -31.17 13.38
C PHE A 189 45.73 -31.30 14.76
N CYS A 190 45.32 -32.28 15.55
CA CYS A 190 45.78 -32.39 16.94
C CYS A 190 47.12 -33.09 17.09
N ALA A 191 47.91 -33.19 16.02
CA ALA A 191 49.22 -33.84 16.05
C ALA A 191 50.38 -32.86 15.99
N LEU A 192 50.11 -31.56 16.18
CA LEU A 192 51.19 -30.58 16.18
C LEU A 192 52.20 -30.74 17.33
N PRO A 193 51.82 -30.99 18.58
CA PRO A 193 52.85 -31.20 19.62
C PRO A 193 53.77 -32.37 19.33
N PHE A 194 53.27 -33.41 18.66
CA PHE A 194 54.15 -34.49 18.21
C PHE A 194 55.02 -34.07 17.03
N MET A 195 54.79 -32.88 16.46
CA MET A 195 55.59 -32.37 15.36
C MET A 195 56.57 -31.29 15.78
N GLY A 196 56.33 -30.59 16.88
CA GLY A 196 57.24 -29.54 17.31
C GLY A 196 56.64 -28.16 17.50
N PHE A 197 55.34 -28.08 17.82
CA PHE A 197 54.70 -26.78 18.04
C PHE A 197 53.98 -26.66 19.37
N GLY A 198 54.08 -27.67 20.24
CA GLY A 198 53.38 -27.59 21.51
C GLY A 198 53.99 -28.54 22.51
N LYS A 199 53.36 -28.62 23.68
CA LYS A 199 53.84 -29.51 24.72
C LYS A 199 52.68 -30.12 25.50
N PHE A 200 52.78 -31.41 25.77
CA PHE A 200 51.87 -32.14 26.65
C PHE A 200 52.54 -32.31 28.00
N VAL A 201 51.82 -31.94 29.06
CA VAL A 201 52.34 -31.96 30.41
C VAL A 201 51.34 -32.69 31.31
N GLN A 202 51.87 -33.50 32.23
CA GLN A 202 51.06 -34.19 33.22
C GLN A 202 50.65 -33.23 34.34
N TYR A 203 49.37 -33.24 34.69
CA TYR A 203 48.83 -32.33 35.69
C TYR A 203 48.70 -33.04 37.03
N CYS A 204 48.88 -32.30 38.10
CA CYS A 204 48.76 -32.85 39.43
C CYS A 204 47.32 -33.28 39.69
N PRO A 205 47.10 -34.40 40.42
CA PRO A 205 48.03 -35.28 41.14
C PRO A 205 48.72 -36.33 40.30
N GLY A 206 48.97 -36.08 39.02
CA GLY A 206 49.62 -37.06 38.17
C GLY A 206 48.70 -38.03 37.48
N THR A 207 47.39 -37.93 37.71
CA THR A 207 46.43 -38.82 37.10
C THR A 207 45.85 -38.29 35.80
N TRP A 208 46.17 -37.05 35.41
CA TRP A 208 45.67 -36.46 34.18
C TRP A 208 46.82 -35.90 33.37
N CYS A 209 46.59 -35.72 32.07
CA CYS A 209 47.56 -35.11 31.19
C CYS A 209 46.84 -34.20 30.20
N PHE A 210 47.46 -33.09 29.84
CA PHE A 210 46.85 -32.17 28.88
C PHE A 210 47.92 -31.25 28.32
N ILE A 211 47.53 -30.44 27.34
CA ILE A 211 48.45 -29.45 26.78
C ILE A 211 48.83 -28.45 27.85
N GLN A 212 50.09 -28.02 27.83
CA GLN A 212 50.57 -27.00 28.74
C GLN A 212 50.27 -25.62 28.19
N MET A 213 49.85 -24.72 29.07
CA MET A 213 49.44 -23.37 28.69
C MET A 213 50.12 -22.26 29.46
N VAL A 214 50.63 -22.52 30.68
CA VAL A 214 51.15 -21.46 31.54
C VAL A 214 52.62 -21.16 31.23
N HIS A 215 53.17 -21.72 30.15
CA HIS A 215 54.39 -21.24 29.51
C HIS A 215 55.65 -21.44 30.32
N GLU A 216 56.79 -21.12 29.72
CA GLU A 216 58.08 -21.08 30.37
C GLU A 216 58.28 -19.69 30.99
N GLU A 217 59.53 -19.36 31.32
CA GLU A 217 59.85 -17.96 31.56
C GLU A 217 59.52 -17.10 30.35
N GLY A 218 59.60 -17.66 29.14
CA GLY A 218 59.12 -17.01 27.94
C GLY A 218 59.39 -17.87 26.72
N SER A 219 58.43 -17.99 25.82
CA SER A 219 58.64 -18.83 24.65
C SER A 219 57.71 -18.40 23.52
N LEU A 220 58.04 -18.88 22.30
CA LEU A 220 57.24 -18.64 21.12
C LEU A 220 56.59 -19.91 20.57
N SER A 221 57.09 -21.10 20.91
CA SER A 221 56.52 -22.34 20.42
C SER A 221 55.60 -23.00 21.45
N VAL A 222 55.29 -22.33 22.55
CA VAL A 222 54.31 -22.81 23.51
C VAL A 222 53.07 -21.92 23.56
N LEU A 223 53.19 -20.64 23.21
CA LEU A 223 52.01 -19.80 23.03
C LEU A 223 51.19 -20.25 21.84
N GLY A 224 51.86 -20.69 20.77
CA GLY A 224 51.19 -20.85 19.49
C GLY A 224 50.11 -21.90 19.52
N TYR A 225 50.43 -23.11 19.98
CA TYR A 225 49.46 -24.19 19.96
C TYR A 225 48.27 -23.92 20.89
N SER A 226 48.55 -23.39 22.08
CA SER A 226 47.49 -23.13 23.05
C SER A 226 46.51 -22.09 22.51
N VAL A 227 47.02 -20.97 21.99
CA VAL A 227 46.11 -19.93 21.53
C VAL A 227 45.38 -20.38 20.26
N LEU A 228 46.05 -21.16 19.40
CA LEU A 228 45.40 -21.62 18.18
C LEU A 228 44.24 -22.57 18.52
N TYR A 229 44.45 -23.49 19.46
CA TYR A 229 43.39 -24.40 19.88
C TYR A 229 42.20 -23.65 20.47
N SER A 230 42.47 -22.72 21.39
CA SER A 230 41.35 -22.01 22.02
C SER A 230 40.63 -21.10 21.03
N SER A 231 41.36 -20.49 20.09
CA SER A 231 40.71 -19.67 19.07
C SER A 231 39.79 -20.50 18.19
N LEU A 232 40.23 -21.70 17.78
CA LEU A 232 39.34 -22.56 17.00
C LEU A 232 38.10 -22.96 17.78
N MET A 233 38.25 -23.30 19.06
CA MET A 233 37.08 -23.69 19.83
C MET A 233 36.08 -22.54 19.95
N ALA A 234 36.59 -21.33 20.18
CA ALA A 234 35.71 -20.17 20.29
C ALA A 234 34.97 -19.90 18.98
N LEU A 235 35.67 -20.02 17.84
CA LEU A 235 35.03 -19.76 16.56
C LEU A 235 33.93 -20.78 16.26
N LEU A 236 34.18 -22.06 16.57
CA LEU A 236 33.16 -23.08 16.35
C LEU A 236 31.92 -22.82 17.21
N VAL A 237 32.13 -22.46 18.48
CA VAL A 237 30.99 -22.20 19.36
C VAL A 237 30.17 -21.00 18.86
N LEU A 238 30.86 -19.94 18.44
CA LEU A 238 30.15 -18.75 17.95
C LEU A 238 29.32 -19.06 16.70
N ALA A 239 29.90 -19.81 15.76
CA ALA A 239 29.16 -20.16 14.55
C ALA A 239 27.92 -20.99 14.87
N THR A 240 28.06 -21.94 15.81
CA THR A 240 26.91 -22.76 16.20
C THR A 240 25.78 -21.92 16.78
N VAL A 241 26.12 -20.97 17.67
CA VAL A 241 25.08 -20.14 18.28
C VAL A 241 24.35 -19.30 17.23
N LEU A 242 25.11 -18.73 16.28
CA LEU A 242 24.47 -17.91 15.26
C LEU A 242 23.53 -18.73 14.38
N CYS A 243 23.94 -19.96 14.03
CA CYS A 243 23.06 -20.81 13.22
C CYS A 243 21.77 -21.16 13.97
N ASN A 244 21.88 -21.43 15.27
CA ASN A 244 20.69 -21.70 16.07
C ASN A 244 19.71 -20.54 16.01
N LEU A 245 20.22 -19.31 16.19
CA LEU A 245 19.34 -18.14 16.20
C LEU A 245 18.65 -17.93 14.85
N GLY A 246 19.40 -18.11 13.75
CA GLY A 246 18.80 -17.97 12.44
C GLY A 246 17.68 -18.97 12.19
N ALA A 247 17.90 -20.24 12.57
CA ALA A 247 16.87 -21.25 12.38
C ALA A 247 15.61 -20.93 13.18
N MET A 248 15.80 -20.43 14.40
CA MET A 248 14.64 -20.07 15.22
C MET A 248 13.82 -18.96 14.57
N ARG A 249 14.50 -17.94 14.01
CA ARG A 249 13.74 -16.86 13.38
C ARG A 249 12.98 -17.35 12.13
N ASN A 250 13.57 -18.28 11.38
CA ASN A 250 12.86 -18.80 10.21
C ASN A 250 11.62 -19.61 10.60
N LEU A 251 11.73 -20.41 11.66
CA LEU A 251 10.55 -21.14 12.13
C LEU A 251 9.46 -20.21 12.61
N TYR A 252 9.83 -19.10 13.26
CA TYR A 252 8.82 -18.12 13.67
C TYR A 252 8.11 -17.51 12.48
N ALA A 253 8.85 -17.22 11.40
CA ALA A 253 8.21 -16.71 10.20
C ALA A 253 7.22 -17.71 9.63
N MET A 254 7.60 -19.00 9.60
CA MET A 254 6.69 -20.04 9.10
C MET A 254 5.41 -20.13 9.93
N HIS A 255 5.54 -20.04 11.26
CA HIS A 255 4.36 -20.10 12.12
C HIS A 255 3.43 -18.92 11.87
N ARG A 256 3.99 -17.72 11.68
CA ARG A 256 3.12 -16.56 11.44
C ARG A 256 2.42 -16.65 10.08
N ARG A 257 3.13 -17.11 9.05
CA ARG A 257 2.51 -17.25 7.73
C ARG A 257 1.39 -18.27 7.74
N LEU A 258 1.57 -19.39 8.45
CA LEU A 258 0.47 -20.33 8.61
C LEU A 258 -0.69 -19.71 9.36
N GLN A 259 -0.39 -19.02 10.46
CA GLN A 259 -1.44 -18.57 11.35
C GLN A 259 -2.28 -17.45 10.75
N ALA A 260 -1.78 -16.72 9.75
CA ALA A 260 -2.64 -15.65 9.22
C ALA A 260 -3.70 -16.16 8.27
N ASP A 261 -3.28 -16.62 7.09
CA ASP A 261 -4.21 -16.80 5.97
C ASP A 261 -5.23 -17.91 6.21
N LEU A 262 -4.72 -19.14 6.23
CA LEU A 262 -5.60 -20.30 6.29
C LEU A 262 -6.35 -20.35 7.62
N GLU A 263 -5.64 -20.12 8.73
CA GLU A 263 -6.27 -20.34 10.02
C GLU A 263 -7.28 -19.25 10.36
N ASP A 264 -6.94 -17.97 10.13
CA ASP A 264 -7.92 -16.94 10.46
C ASP A 264 -9.10 -16.96 9.50
N ASN A 265 -8.87 -17.25 8.21
CA ASN A 265 -10.00 -17.37 7.31
C ASN A 265 -10.87 -18.57 7.65
N TRP A 266 -10.27 -19.67 8.13
CA TRP A 266 -11.07 -20.81 8.57
C TRP A 266 -11.94 -20.45 9.77
N GLU A 267 -11.38 -19.70 10.72
CA GLU A 267 -12.19 -19.25 11.85
C GLU A 267 -13.33 -18.37 11.40
N THR A 268 -13.07 -17.48 10.43
CA THR A 268 -14.14 -16.63 9.91
C THR A 268 -15.23 -17.45 9.23
N LEU A 269 -14.83 -18.46 8.44
CA LEU A 269 -15.80 -19.33 7.78
C LEU A 269 -16.67 -20.06 8.80
N ASN A 270 -16.05 -20.58 9.87
CA ASN A 270 -16.82 -21.27 10.89
C ASN A 270 -17.83 -20.33 11.56
N ASP A 271 -17.40 -19.12 11.90
CA ASP A 271 -18.31 -18.17 12.54
C ASP A 271 -19.45 -17.77 11.62
N ASN A 272 -19.15 -17.55 10.33
CA ASN A 272 -20.21 -17.17 9.39
C ASN A 272 -21.21 -18.31 9.18
N LEU A 273 -20.73 -19.55 9.12
CA LEU A 273 -21.64 -20.69 9.03
C LEU A 273 -22.52 -20.78 10.26
N LYS A 274 -21.95 -20.56 11.45
CA LYS A 274 -22.74 -20.58 12.66
C LYS A 274 -23.81 -19.49 12.67
N VAL A 275 -23.44 -18.28 12.23
CA VAL A 275 -24.41 -17.18 12.29
C VAL A 275 -25.47 -17.34 11.21
N ILE A 276 -25.17 -18.03 10.11
CA ILE A 276 -26.21 -18.35 9.14
C ILE A 276 -27.16 -19.40 9.71
N GLU A 277 -26.60 -20.44 10.33
CA GLU A 277 -27.43 -21.52 10.87
C GLU A 277 -28.26 -21.07 12.06
N LYS A 278 -27.86 -20.00 12.74
CA LYS A 278 -28.67 -19.40 13.80
C LYS A 278 -29.06 -18.00 13.35
N ALA A 279 -30.17 -17.90 12.62
CA ALA A 279 -30.62 -16.61 12.10
C ALA A 279 -32.11 -16.67 11.82
N ASP A 280 -32.74 -15.49 11.83
CA ASP A 280 -34.12 -15.31 11.42
C ASP A 280 -34.19 -14.19 10.40
N ASN A 281 -35.16 -14.28 9.49
CA ASN A 281 -35.43 -13.32 8.42
C ASN A 281 -34.34 -13.37 7.36
N ALA A 282 -34.64 -12.92 6.15
CA ALA A 282 -33.71 -12.99 5.02
C ALA A 282 -32.95 -11.69 4.81
N ALA A 283 -32.78 -10.89 5.85
CA ALA A 283 -32.01 -9.65 5.74
C ALA A 283 -30.53 -9.87 5.93
N GLN A 284 -30.12 -10.50 7.04
CA GLN A 284 -28.72 -10.71 7.33
C GLN A 284 -28.11 -11.87 6.58
N VAL A 285 -28.93 -12.68 5.89
CA VAL A 285 -28.42 -13.83 5.16
C VAL A 285 -27.50 -13.38 4.04
N LYS A 286 -27.87 -12.32 3.32
CA LYS A 286 -27.03 -11.81 2.23
C LYS A 286 -25.69 -11.32 2.76
N ASP A 287 -25.71 -10.57 3.87
CA ASP A 287 -24.47 -10.05 4.44
C ASP A 287 -23.56 -11.16 4.93
N ALA A 288 -24.13 -12.14 5.62
CA ALA A 288 -23.33 -13.26 6.11
C ALA A 288 -22.76 -14.07 4.96
N LEU A 289 -23.56 -14.29 3.91
CA LEU A 289 -23.06 -15.04 2.76
C LEU A 289 -21.96 -14.29 2.04
N THR A 290 -22.05 -12.96 1.96
CA THR A 290 -21.00 -12.19 1.30
C THR A 290 -19.72 -12.17 2.11
N LYS A 291 -19.83 -12.07 3.44
CA LYS A 291 -18.64 -12.18 4.28
C LYS A 291 -18.00 -13.54 4.13
N MET A 292 -18.81 -14.60 4.09
CA MET A 292 -18.30 -15.95 3.90
C MET A 292 -17.62 -16.08 2.53
N ARG A 293 -18.20 -15.47 1.50
CA ARG A 293 -17.61 -15.53 0.17
C ARG A 293 -16.26 -14.82 0.13
N ALA A 294 -16.15 -13.64 0.76
CA ALA A 294 -14.88 -12.94 0.80
C ALA A 294 -13.82 -13.75 1.55
N ALA A 295 -14.21 -14.33 2.69
CA ALA A 295 -13.27 -15.16 3.46
C ALA A 295 -12.83 -16.37 2.65
N ALA A 296 -13.75 -16.98 1.89
CA ALA A 296 -13.40 -18.13 1.08
C ALA A 296 -12.43 -17.76 -0.04
N LEU A 297 -12.63 -16.61 -0.69
CA LEU A 297 -11.71 -16.19 -1.73
C LEU A 297 -10.32 -15.92 -1.16
N ASP A 298 -10.26 -15.21 -0.03
CA ASP A 298 -8.98 -14.94 0.61
C ASP A 298 -8.29 -16.22 1.04
N ALA A 299 -9.05 -17.19 1.56
CA ALA A 299 -8.47 -18.45 1.98
C ALA A 299 -7.98 -19.27 0.80
N GLN A 300 -8.70 -19.20 -0.33
CA GLN A 300 -8.24 -19.88 -1.54
C GLN A 300 -6.93 -19.27 -2.04
N LYS A 301 -6.68 -18.00 -1.74
CA LYS A 301 -5.39 -17.41 -2.10
C LYS A 301 -4.21 -17.96 -1.29
N ALA A 302 -4.46 -18.71 -0.22
CA ALA A 302 -3.41 -19.09 0.72
C ALA A 302 -2.52 -20.19 0.16
N THR A 303 -1.50 -20.56 0.93
CA THR A 303 -0.51 -21.56 0.53
C THR A 303 -0.16 -22.45 1.73
N PRO A 304 -0.28 -23.76 1.60
CA PRO A 304 0.11 -24.67 2.69
C PRO A 304 1.61 -24.70 2.88
N PRO A 305 2.10 -25.07 4.07
CA PRO A 305 3.55 -25.13 4.30
C PRO A 305 4.27 -26.13 3.39
N LYS A 306 3.63 -27.22 3.00
CA LYS A 306 4.24 -28.20 2.11
C LYS A 306 3.55 -28.17 0.75
N LEU A 307 4.24 -28.71 -0.24
CA LEU A 307 3.86 -28.59 -1.66
C LEU A 307 3.75 -27.12 -2.05
N GLU A 308 4.66 -26.29 -1.52
CA GLU A 308 4.70 -24.87 -1.83
C GLU A 308 5.80 -24.50 -2.80
N ASP A 309 6.78 -25.38 -3.03
CA ASP A 309 7.83 -25.11 -3.99
C ASP A 309 7.28 -24.98 -5.40
N LYS A 310 6.31 -25.82 -5.73
CA LYS A 310 5.65 -25.78 -7.04
C LYS A 310 4.19 -25.40 -6.81
N SER A 311 3.92 -24.09 -6.78
CA SER A 311 2.56 -23.62 -6.61
C SER A 311 1.63 -24.02 -7.76
N PRO A 312 1.97 -23.84 -9.04
CA PRO A 312 1.06 -24.27 -10.10
C PRO A 312 1.21 -25.73 -10.44
N ASP A 313 0.14 -26.30 -11.00
CA ASP A 313 0.07 -27.65 -11.54
C ASP A 313 0.29 -28.74 -10.50
N SER A 314 0.37 -28.39 -9.21
CA SER A 314 0.48 -29.39 -8.16
C SER A 314 -0.91 -29.91 -7.82
N PRO A 315 -1.16 -31.21 -7.89
CA PRO A 315 -2.48 -31.73 -7.51
C PRO A 315 -2.87 -31.41 -6.08
N GLU A 316 -1.90 -31.39 -5.16
CA GLU A 316 -2.19 -31.06 -3.76
C GLU A 316 -2.68 -29.64 -3.58
N MET A 317 -2.37 -28.75 -4.53
CA MET A 317 -2.97 -27.41 -4.57
C MET A 317 -4.18 -27.35 -5.49
N LYS A 318 -4.20 -28.15 -6.55
CA LYS A 318 -5.30 -28.10 -7.50
C LYS A 318 -6.60 -28.57 -6.87
N ASP A 319 -6.57 -29.65 -6.07
CA ASP A 319 -7.82 -30.07 -5.44
C ASP A 319 -8.22 -29.17 -4.29
N PHE A 320 -7.24 -28.56 -3.61
CA PHE A 320 -7.51 -27.48 -2.66
C PHE A 320 -8.35 -26.38 -3.33
N ARG A 321 -7.88 -25.91 -4.48
CA ARG A 321 -8.58 -24.86 -5.21
C ARG A 321 -9.92 -25.35 -5.74
N HIS A 322 -10.00 -26.62 -6.13
CA HIS A 322 -11.26 -27.18 -6.61
C HIS A 322 -12.30 -27.24 -5.50
N GLY A 323 -11.89 -27.63 -4.30
CA GLY A 323 -12.82 -27.66 -3.18
C GLY A 323 -13.32 -26.28 -2.82
N PHE A 324 -12.42 -25.29 -2.82
CA PHE A 324 -12.87 -23.93 -2.55
C PHE A 324 -13.80 -23.42 -3.65
N ASP A 325 -13.55 -23.80 -4.91
CA ASP A 325 -14.44 -23.42 -6.01
C ASP A 325 -15.83 -24.03 -5.85
N ILE A 326 -15.89 -25.30 -5.45
CA ILE A 326 -17.18 -25.96 -5.23
C ILE A 326 -17.93 -25.27 -4.11
N LEU A 327 -17.23 -24.91 -3.03
CA LEU A 327 -17.86 -24.22 -1.92
C LEU A 327 -18.41 -22.86 -2.36
N VAL A 328 -17.66 -22.13 -3.20
CA VAL A 328 -18.11 -20.82 -3.66
C VAL A 328 -19.33 -20.97 -4.57
N GLY A 329 -19.35 -22.01 -5.42
CA GLY A 329 -20.53 -22.25 -6.24
C GLY A 329 -21.76 -22.56 -5.43
N GLN A 330 -21.59 -23.34 -4.35
CA GLN A 330 -22.72 -23.61 -3.45
C GLN A 330 -23.22 -22.33 -2.79
N ILE A 331 -22.29 -21.46 -2.38
CA ILE A 331 -22.67 -20.16 -1.83
C ILE A 331 -23.46 -19.34 -2.85
N ASP A 332 -23.00 -19.36 -4.11
CA ASP A 332 -23.67 -18.58 -5.16
C ASP A 332 -25.11 -19.06 -5.38
N ASP A 333 -25.30 -20.39 -5.46
CA ASP A 333 -26.66 -20.86 -5.70
C ASP A 333 -27.55 -20.65 -4.48
N ALA A 334 -26.99 -20.73 -3.27
CA ALA A 334 -27.77 -20.40 -2.08
C ALA A 334 -28.19 -18.93 -2.09
N LEU A 335 -27.29 -18.02 -2.47
CA LEU A 335 -27.62 -16.61 -2.58
C LEU A 335 -28.74 -16.39 -3.60
N LYS A 336 -28.61 -17.00 -4.78
CA LYS A 336 -29.62 -16.85 -5.81
C LYS A 336 -30.98 -17.36 -5.35
N LEU A 337 -31.01 -18.54 -4.71
CA LEU A 337 -32.29 -19.15 -4.40
C LEU A 337 -32.97 -18.45 -3.22
N ALA A 338 -32.23 -18.13 -2.16
CA ALA A 338 -32.85 -17.65 -0.94
C ALA A 338 -32.71 -16.14 -0.73
N ASN A 339 -32.13 -15.40 -1.67
CA ASN A 339 -31.97 -13.97 -1.46
C ASN A 339 -32.61 -13.11 -2.54
N GLU A 340 -32.49 -13.49 -3.81
CA GLU A 340 -33.25 -12.80 -4.84
C GLU A 340 -34.74 -13.05 -4.67
N GLY A 341 -35.11 -14.28 -4.34
CA GLY A 341 -36.47 -14.62 -3.95
C GLY A 341 -36.49 -15.07 -2.50
N LYS A 342 -37.57 -14.75 -1.80
CA LYS A 342 -37.68 -15.03 -0.37
C LYS A 342 -38.10 -16.47 -0.16
N VAL A 343 -37.20 -17.27 0.43
CA VAL A 343 -37.49 -18.66 0.75
C VAL A 343 -36.48 -19.09 1.82
N LYS A 344 -36.83 -20.12 2.59
CA LYS A 344 -36.03 -20.57 3.72
C LYS A 344 -35.16 -21.78 3.37
N GLU A 345 -34.64 -21.84 2.15
CA GLU A 345 -33.68 -22.87 1.77
C GLU A 345 -32.27 -22.57 2.30
N ALA A 346 -32.08 -21.39 2.90
CA ALA A 346 -30.75 -20.98 3.36
C ALA A 346 -30.21 -21.92 4.43
N GLN A 347 -31.07 -22.39 5.33
CA GLN A 347 -30.62 -23.29 6.39
C GLN A 347 -30.14 -24.62 5.83
N ALA A 348 -30.90 -25.20 4.88
CA ALA A 348 -30.48 -26.45 4.26
C ALA A 348 -29.20 -26.26 3.45
N ALA A 349 -29.08 -25.12 2.75
CA ALA A 349 -27.86 -24.82 2.03
C ALA A 349 -26.67 -24.69 2.95
N ALA A 350 -26.85 -24.06 4.12
CA ALA A 350 -25.77 -23.95 5.10
C ALA A 350 -25.38 -25.31 5.65
N GLU A 351 -26.37 -26.18 5.89
CA GLU A 351 -26.06 -27.53 6.36
C GLU A 351 -25.25 -28.30 5.32
N GLN A 352 -25.63 -28.18 4.03
CA GLN A 352 -24.89 -28.84 2.96
C GLN A 352 -23.47 -28.26 2.85
N LEU A 353 -23.35 -26.94 3.01
CA LEU A 353 -22.04 -26.31 2.96
C LEU A 353 -21.14 -26.79 4.09
N LYS A 354 -21.69 -26.91 5.30
CA LYS A 354 -20.91 -27.43 6.42
C LYS A 354 -20.51 -28.87 6.18
N THR A 355 -21.42 -29.67 5.64
CA THR A 355 -21.11 -31.08 5.36
C THR A 355 -19.98 -31.20 4.34
N THR A 356 -20.01 -30.39 3.28
CA THR A 356 -18.94 -30.47 2.29
C THR A 356 -17.66 -29.80 2.75
N ARG A 357 -17.74 -28.88 3.72
CA ARG A 357 -16.52 -28.29 4.28
C ARG A 357 -15.79 -29.27 5.18
N ASN A 358 -16.53 -29.98 6.04
CA ASN A 358 -15.92 -30.86 7.02
C ASN A 358 -15.47 -32.19 6.44
N ALA A 359 -15.47 -32.35 5.12
CA ALA A 359 -15.11 -33.63 4.51
C ALA A 359 -13.64 -33.70 4.10
N TYR A 360 -13.21 -32.84 3.17
CA TYR A 360 -11.90 -33.02 2.56
C TYR A 360 -11.12 -31.72 2.41
N ILE A 361 -11.31 -30.77 3.32
CA ILE A 361 -10.36 -29.66 3.42
C ILE A 361 -9.93 -29.48 4.87
N GLN A 362 -10.11 -30.52 5.70
CA GLN A 362 -9.51 -30.55 7.02
C GLN A 362 -8.16 -31.25 7.03
N LYS A 363 -7.94 -32.13 6.06
CA LYS A 363 -6.69 -32.89 6.02
C LYS A 363 -5.49 -31.98 5.82
N TYR A 364 -5.63 -30.95 4.98
CA TYR A 364 -4.56 -29.99 4.76
C TYR A 364 -4.20 -29.23 6.03
N LEU A 365 -5.23 -28.77 6.75
CA LEU A 365 -5.01 -28.06 8.00
C LEU A 365 -4.29 -28.94 9.02
N GLU A 366 -4.74 -30.19 9.16
CA GLU A 366 -4.13 -31.07 10.16
C GLU A 366 -2.71 -31.46 9.77
N ARG A 367 -2.44 -31.69 8.48
CA ARG A 367 -1.09 -31.98 8.05
C ARG A 367 -0.16 -30.81 8.34
N ALA A 368 -0.62 -29.58 8.08
CA ALA A 368 0.21 -28.41 8.34
C ALA A 368 0.56 -28.29 9.82
N ARG A 369 -0.44 -28.46 10.69
CA ARG A 369 -0.18 -28.33 12.12
C ARG A 369 0.80 -29.40 12.61
N SER A 370 0.63 -30.64 12.14
CA SER A 370 1.53 -31.71 12.56
C SER A 370 2.98 -31.44 12.12
N THR A 371 3.14 -30.95 10.89
CA THR A 371 4.49 -30.60 10.42
C THR A 371 5.14 -29.54 11.29
N LEU A 372 4.36 -28.52 11.69
CA LEU A 372 4.94 -27.48 12.53
C LEU A 372 5.41 -28.04 13.88
N LEU A 373 4.63 -28.93 14.49
CA LEU A 373 5.04 -29.46 15.79
C LEU A 373 6.30 -30.32 15.68
N GLU A 374 6.43 -31.12 14.62
CA GLU A 374 7.66 -31.92 14.51
C GLU A 374 8.89 -31.04 14.27
N GLU A 375 8.73 -29.94 13.52
CA GLU A 375 9.85 -29.00 13.36
C GLU A 375 10.26 -28.40 14.70
N LEU A 376 9.28 -28.03 15.53
CA LEU A 376 9.59 -27.45 16.83
C LEU A 376 10.35 -28.44 17.71
N ASP A 377 10.01 -29.73 17.64
CA ASP A 377 10.74 -30.73 18.42
C ASP A 377 12.20 -30.82 17.99
N ALA A 378 12.46 -30.85 16.68
CA ALA A 378 13.85 -30.91 16.22
C ALA A 378 14.67 -29.71 16.70
N LEU A 379 14.08 -28.51 16.61
CA LEU A 379 14.79 -27.32 17.08
C LEU A 379 15.06 -27.36 18.58
N LEU A 380 14.12 -27.89 19.38
CA LEU A 380 14.37 -27.95 20.81
C LEU A 380 15.54 -28.88 21.13
N LEU A 381 15.64 -30.01 20.43
CA LEU A 381 16.77 -30.90 20.66
C LEU A 381 18.09 -30.21 20.35
N LEU A 382 18.16 -29.48 19.22
CA LEU A 382 19.36 -28.71 18.92
C LEU A 382 19.69 -27.71 20.02
N ALA A 383 18.68 -27.00 20.52
CA ALA A 383 18.94 -25.95 21.50
C ALA A 383 19.54 -26.52 22.78
N LEU A 384 19.03 -27.65 23.26
CA LEU A 384 19.57 -28.24 24.48
C LEU A 384 21.01 -28.71 24.29
N MET A 385 21.30 -29.38 23.16
CA MET A 385 22.66 -29.83 22.93
C MET A 385 23.64 -28.67 22.83
N THR A 386 23.25 -27.60 22.13
CA THR A 386 24.11 -26.42 22.00
C THR A 386 24.38 -25.78 23.35
N VAL A 387 23.36 -25.68 24.19
CA VAL A 387 23.56 -25.08 25.52
C VAL A 387 24.59 -25.87 26.31
N LEU A 388 24.48 -27.20 26.30
CA LEU A 388 25.44 -28.03 27.04
C LEU A 388 26.87 -27.83 26.52
N PHE A 389 27.05 -27.92 25.21
CA PHE A 389 28.40 -27.84 24.64
C PHE A 389 29.02 -26.46 24.89
N THR A 390 28.24 -25.39 24.76
CA THR A 390 28.78 -24.06 24.98
C THR A 390 29.12 -23.84 26.45
N MET A 391 28.29 -24.35 27.37
CA MET A 391 28.59 -24.16 28.79
C MET A 391 29.88 -24.85 29.18
N CYS A 392 30.02 -26.14 28.84
CA CYS A 392 31.04 -26.96 29.49
C CYS A 392 32.38 -26.96 28.77
N SER A 393 32.70 -25.92 27.99
CA SER A 393 34.00 -25.84 27.35
C SER A 393 34.68 -24.48 27.48
N LEU A 394 33.97 -23.43 27.88
CA LEU A 394 34.60 -22.12 28.03
C LEU A 394 35.67 -22.02 29.12
N PRO A 395 35.62 -22.78 30.24
CA PRO A 395 36.76 -22.74 31.17
C PRO A 395 38.10 -23.09 30.55
N VAL A 396 38.13 -24.01 29.59
CA VAL A 396 39.40 -24.38 28.96
C VAL A 396 39.98 -23.20 28.18
N ILE A 397 39.14 -22.54 27.37
CA ILE A 397 39.61 -21.39 26.58
C ILE A 397 40.04 -20.25 27.49
N TYR A 398 39.25 -19.97 28.53
CA TYR A 398 39.62 -18.89 29.44
C TYR A 398 40.94 -19.20 30.14
N ARG A 399 41.13 -20.46 30.54
CA ARG A 399 42.37 -20.84 31.22
C ARG A 399 43.56 -20.73 30.28
N ALA A 400 43.38 -21.11 29.02
CA ALA A 400 44.48 -21.01 28.05
C ALA A 400 44.88 -19.56 27.82
N TYR A 401 43.90 -18.66 27.71
CA TYR A 401 44.26 -17.25 27.52
C TYR A 401 44.73 -16.60 28.81
N TYR A 402 44.34 -17.14 29.97
CA TYR A 402 44.78 -16.60 31.24
C TYR A 402 46.23 -16.96 31.52
N GLY A 403 46.64 -18.17 31.18
CA GLY A 403 48.03 -18.52 31.39
C GLY A 403 48.99 -18.02 30.35
N ALA A 404 48.50 -17.40 29.29
CA ALA A 404 49.33 -16.95 28.17
C ALA A 404 49.16 -15.45 28.01
N PHE A 405 50.26 -14.72 28.11
CA PHE A 405 50.43 -13.30 27.77
C PHE A 405 49.50 -12.36 28.55
N LYS A 406 48.68 -12.89 29.46
CA LYS A 406 47.85 -12.06 30.33
C LYS A 406 48.29 -12.25 31.77
N ASP A 407 49.60 -12.36 31.96
CA ASP A 407 50.21 -12.70 33.25
C ASP A 407 51.38 -11.76 33.52
N VAL A 408 51.10 -10.66 34.21
CA VAL A 408 52.17 -9.90 34.85
C VAL A 408 52.84 -10.76 35.90
N LYS A 409 52.05 -11.42 36.74
CA LYS A 409 52.50 -12.42 37.70
C LYS A 409 51.30 -13.20 38.21
N GLU A 410 51.49 -14.47 38.56
CA GLU A 410 50.41 -15.32 39.03
C GLU A 410 50.82 -16.02 40.32
N LYS A 411 49.96 -15.98 41.33
CA LYS A 411 50.10 -16.88 42.47
C LYS A 411 49.96 -18.32 41.95
N ASN A 412 50.92 -19.16 42.30
CA ASN A 412 51.18 -20.35 41.50
C ASN A 412 50.88 -21.68 42.16
N ARG A 413 51.00 -21.80 43.48
CA ARG A 413 51.04 -23.15 44.06
C ARG A 413 49.67 -23.72 44.37
N THR A 414 48.89 -23.06 45.21
CA THR A 414 47.62 -23.60 45.65
C THR A 414 46.42 -23.01 44.91
N SER A 415 46.66 -22.19 43.88
CA SER A 415 45.58 -21.48 43.21
C SER A 415 45.55 -21.71 41.70
N GLU A 416 46.42 -22.54 41.16
CA GLU A 416 46.37 -22.79 39.72
C GLU A 416 46.15 -24.24 39.37
N GLU A 417 46.65 -25.19 40.15
CA GLU A 417 46.45 -26.59 39.81
C GLU A 417 45.01 -27.04 40.10
N ALA A 418 44.46 -26.58 41.23
CA ALA A 418 43.07 -26.88 41.55
C ALA A 418 42.11 -26.24 40.56
N GLU A 419 42.49 -25.10 39.99
CA GLU A 419 41.70 -24.48 38.93
C GLU A 419 41.92 -25.18 37.59
N ASP A 420 43.11 -25.69 37.34
CA ASP A 420 43.39 -26.37 36.08
C ASP A 420 42.68 -27.70 35.98
N LEU A 421 42.51 -28.40 37.11
CA LEU A 421 41.84 -29.69 37.07
C LEU A 421 40.36 -29.57 36.68
N ARG A 422 39.71 -28.48 37.08
CA ARG A 422 38.27 -28.33 36.85
C ARG A 422 37.93 -28.27 35.37
N ALA A 423 38.74 -27.55 34.58
CA ALA A 423 38.47 -27.46 33.15
C ALA A 423 38.55 -28.82 32.48
N LEU A 424 39.56 -29.61 32.84
CA LEU A 424 39.68 -30.96 32.29
C LEU A 424 38.51 -31.83 32.71
N ARG A 425 38.08 -31.71 33.97
CA ARG A 425 36.94 -32.51 34.45
C ARG A 425 35.67 -32.17 33.71
N PHE A 426 35.40 -30.88 33.45
CA PHE A 426 34.20 -30.49 32.73
C PHE A 426 34.24 -30.95 31.28
N LEU A 427 35.39 -30.75 30.62
CA LEU A 427 35.54 -31.20 29.25
C LEU A 427 35.34 -32.70 29.13
N SER A 428 35.74 -33.46 30.15
CA SER A 428 35.47 -34.89 30.12
C SER A 428 34.00 -35.18 30.36
N VAL A 429 33.38 -34.53 31.35
CA VAL A 429 32.01 -34.87 31.75
C VAL A 429 30.97 -34.42 30.75
N ILE A 430 31.37 -33.74 29.67
CA ILE A 430 30.43 -33.55 28.55
C ILE A 430 29.86 -34.89 28.08
N SER A 431 30.66 -35.96 28.12
CA SER A 431 30.28 -37.24 27.52
C SER A 431 29.07 -37.89 28.18
N ILE A 432 28.93 -37.77 29.50
CA ILE A 432 27.86 -38.48 30.19
C ILE A 432 26.49 -37.94 29.81
N VAL A 433 26.37 -36.61 29.70
CA VAL A 433 25.06 -35.98 29.58
C VAL A 433 24.50 -36.09 28.17
N ASN A 434 25.32 -36.41 27.17
CA ASN A 434 24.88 -36.34 25.78
C ASN A 434 23.74 -37.31 25.43
N PRO A 435 23.84 -38.63 25.67
CA PRO A 435 22.76 -39.52 25.23
C PRO A 435 21.52 -39.49 26.11
N TRP A 436 21.64 -39.04 27.36
CA TRP A 436 20.48 -38.94 28.22
C TRP A 436 19.52 -37.87 27.73
N ILE A 437 20.04 -36.86 27.04
CA ILE A 437 19.18 -35.86 26.41
C ILE A 437 18.26 -36.51 25.39
N PHE A 438 18.83 -37.39 24.54
CA PHE A 438 18.02 -38.09 23.55
C PHE A 438 17.04 -39.05 24.20
N ILE A 439 17.46 -39.74 25.27
CA ILE A 439 16.57 -40.67 25.95
C ILE A 439 15.35 -39.93 26.51
N ILE A 440 15.59 -38.81 27.19
CA ILE A 440 14.49 -38.01 27.72
C ILE A 440 13.65 -37.40 26.60
N PHE A 441 14.27 -37.07 25.46
CA PHE A 441 13.52 -36.51 24.34
C PHE A 441 12.81 -37.59 23.54
N ARG A 442 13.00 -38.86 23.88
CA ARG A 442 12.18 -39.90 23.27
C ARG A 442 11.72 -40.94 24.30
N SER A 443 11.32 -40.48 25.48
CA SER A 443 10.87 -41.35 26.55
C SER A 443 9.38 -41.64 26.40
N PRO A 444 8.90 -42.77 26.95
CA PRO A 444 7.47 -43.09 26.82
C PRO A 444 6.55 -42.06 27.49
N VAL A 445 6.74 -41.79 28.78
CA VAL A 445 5.87 -40.89 29.51
C VAL A 445 6.53 -39.53 29.72
N PHE A 446 7.86 -39.52 29.90
CA PHE A 446 8.57 -38.26 30.13
C PHE A 446 8.50 -37.35 28.91
N ARG A 447 8.75 -37.90 27.73
CA ARG A 447 8.67 -37.09 26.52
C ARG A 447 7.24 -36.70 26.21
N ILE A 448 6.28 -37.57 26.54
CA ILE A 448 4.87 -37.25 26.33
C ILE A 448 4.48 -36.04 27.18
N PHE A 449 4.87 -36.06 28.45
CA PHE A 449 4.60 -34.91 29.33
C PHE A 449 5.33 -33.66 28.85
N PHE A 450 6.57 -33.83 28.38
CA PHE A 450 7.35 -32.71 27.86
C PHE A 450 6.67 -32.08 26.65
N HIS A 451 6.20 -32.91 25.72
CA HIS A 451 5.51 -32.42 24.53
C HIS A 451 4.20 -31.75 24.90
N LYS A 452 3.48 -32.30 25.88
CA LYS A 452 2.28 -31.63 26.37
C LYS A 452 2.63 -30.30 27.03
N ILE A 453 3.86 -30.19 27.56
CA ILE A 453 4.25 -28.97 28.25
C ILE A 453 4.61 -27.86 27.28
N PHE A 454 5.52 -28.10 26.33
CA PHE A 454 6.08 -26.95 25.60
C PHE A 454 5.19 -26.48 24.44
N ILE A 455 4.12 -27.20 24.14
CA ILE A 455 3.23 -26.75 23.06
C ILE A 455 2.44 -25.52 23.49
N ARG A 456 2.08 -25.43 24.77
CA ARG A 456 1.26 -24.35 25.29
C ARG A 456 1.91 -22.97 25.21
N PRO A 457 3.20 -22.80 25.58
CA PRO A 457 3.73 -21.42 25.47
C PRO A 457 3.89 -20.93 24.04
N GLU B 4 -15.81 -7.65 -32.89
CA GLU B 4 -17.13 -7.94 -33.45
C GLU B 4 -18.19 -8.05 -32.34
N VAL B 5 -17.83 -7.62 -31.14
CA VAL B 5 -18.76 -7.53 -30.02
C VAL B 5 -19.20 -6.09 -29.88
N GLN B 6 -20.51 -5.86 -29.84
CA GLN B 6 -21.09 -4.54 -29.70
C GLN B 6 -22.29 -4.60 -28.79
N LEU B 7 -22.68 -3.45 -28.24
CA LEU B 7 -23.92 -3.31 -27.50
C LEU B 7 -24.55 -1.99 -27.91
N VAL B 8 -25.71 -2.06 -28.57
CA VAL B 8 -26.37 -0.89 -29.13
C VAL B 8 -27.76 -0.77 -28.52
N GLU B 9 -28.06 0.40 -27.98
CA GLU B 9 -29.36 0.69 -27.38
C GLU B 9 -30.17 1.62 -28.27
N SER B 10 -31.47 1.65 -28.01
CA SER B 10 -32.38 2.54 -28.73
C SER B 10 -33.64 2.70 -27.89
N GLY B 11 -34.42 3.73 -28.22
CA GLY B 11 -35.69 3.97 -27.57
C GLY B 11 -35.71 5.12 -26.58
N GLY B 12 -34.69 5.96 -26.54
CA GLY B 12 -34.64 7.09 -25.63
C GLY B 12 -35.14 8.36 -26.31
N GLY B 13 -35.89 9.16 -25.56
CA GLY B 13 -36.41 10.39 -26.12
C GLY B 13 -37.14 11.20 -25.06
N LEU B 14 -37.80 12.25 -25.53
CA LEU B 14 -38.50 13.16 -24.63
C LEU B 14 -39.88 12.61 -24.28
N VAL B 15 -40.14 12.48 -22.99
CA VAL B 15 -41.44 12.01 -22.51
C VAL B 15 -41.92 12.90 -21.38
N GLN B 16 -43.24 12.99 -21.23
CA GLN B 16 -43.82 13.75 -20.15
C GLN B 16 -43.62 13.01 -18.83
N PRO B 17 -43.61 13.73 -17.70
CA PRO B 17 -43.55 13.05 -16.40
C PRO B 17 -44.76 12.16 -16.18
N GLY B 18 -44.51 10.98 -15.64
CA GLY B 18 -45.54 9.96 -15.54
C GLY B 18 -45.73 9.11 -16.78
N GLY B 19 -44.87 9.27 -17.79
CA GLY B 19 -44.98 8.52 -19.02
C GLY B 19 -44.30 7.18 -18.95
N SER B 20 -44.27 6.49 -20.09
CA SER B 20 -43.70 5.17 -20.22
C SER B 20 -42.74 5.13 -21.41
N LEU B 21 -41.74 4.26 -21.32
CA LEU B 21 -40.75 4.12 -22.39
C LEU B 21 -40.07 2.76 -22.27
N ARG B 22 -39.80 2.14 -23.41
CA ARG B 22 -39.19 0.82 -23.46
C ARG B 22 -37.82 0.95 -24.11
N LEU B 23 -36.77 0.57 -23.37
CA LEU B 23 -35.41 0.60 -23.86
C LEU B 23 -34.95 -0.82 -24.18
N SER B 24 -34.40 -1.00 -25.38
CA SER B 24 -33.98 -2.31 -25.85
C SER B 24 -32.47 -2.33 -26.04
N CYS B 25 -31.81 -3.32 -25.44
CA CYS B 25 -30.38 -3.55 -25.63
C CYS B 25 -30.22 -4.81 -26.47
N ALA B 26 -29.60 -4.66 -27.64
CA ALA B 26 -29.46 -5.73 -28.62
C ALA B 26 -28.00 -6.15 -28.68
N ALA B 27 -27.69 -7.28 -28.07
CA ALA B 27 -26.32 -7.79 -28.05
C ALA B 27 -25.91 -8.29 -29.43
N SER B 28 -24.62 -8.13 -29.73
CA SER B 28 -24.04 -8.58 -30.99
C SER B 28 -22.79 -9.39 -30.72
N GLY B 29 -22.61 -10.47 -31.47
CA GLY B 29 -21.38 -11.24 -31.44
C GLY B 29 -21.29 -12.26 -30.32
N PHE B 30 -22.31 -12.37 -29.46
CA PHE B 30 -22.29 -13.35 -28.38
C PHE B 30 -23.72 -13.67 -27.99
N ASN B 31 -23.90 -14.80 -27.33
CA ASN B 31 -25.22 -15.26 -26.94
C ASN B 31 -25.60 -14.69 -25.58
N VAL B 32 -26.77 -14.07 -25.53
CA VAL B 32 -27.26 -13.45 -24.29
C VAL B 32 -27.61 -14.48 -23.24
N VAL B 33 -27.84 -15.74 -23.65
CA VAL B 33 -28.16 -16.79 -22.68
C VAL B 33 -26.97 -17.11 -21.80
N ASP B 34 -25.76 -16.96 -22.32
CA ASP B 34 -24.55 -17.36 -21.60
C ASP B 34 -23.92 -16.22 -20.81
N PHE B 35 -24.51 -15.02 -20.83
CA PHE B 35 -23.96 -13.86 -20.14
C PHE B 35 -25.07 -13.16 -19.38
N SER B 36 -24.74 -12.67 -18.20
CA SER B 36 -25.64 -11.78 -17.47
C SER B 36 -25.53 -10.38 -18.04
N LEU B 37 -26.59 -9.60 -17.92
CA LEU B 37 -26.47 -8.23 -18.40
C LEU B 37 -27.21 -7.25 -17.49
N HIS B 38 -26.66 -6.03 -17.46
CA HIS B 38 -26.93 -5.02 -16.46
C HIS B 38 -27.18 -3.67 -17.13
N TRP B 39 -27.88 -2.79 -16.41
CA TRP B 39 -28.17 -1.44 -16.87
C TRP B 39 -27.51 -0.43 -15.93
N VAL B 40 -26.84 0.57 -16.51
CA VAL B 40 -26.12 1.61 -15.78
C VAL B 40 -26.56 2.96 -16.33
N ARG B 41 -26.52 4.00 -15.50
CA ARG B 41 -26.91 5.33 -15.97
C ARG B 41 -26.04 6.40 -15.34
N GLN B 42 -25.94 7.54 -16.05
CA GLN B 42 -25.13 8.67 -15.61
C GLN B 42 -25.91 9.96 -15.82
N ALA B 43 -26.08 10.73 -14.75
CA ALA B 43 -26.75 12.01 -14.84
C ALA B 43 -25.84 13.05 -15.49
N PRO B 44 -26.40 14.12 -16.05
CA PRO B 44 -25.55 15.16 -16.65
C PRO B 44 -24.69 15.86 -15.61
N GLY B 45 -23.37 15.78 -15.81
CA GLY B 45 -22.41 16.35 -14.89
C GLY B 45 -22.32 15.67 -13.53
N LYS B 46 -22.44 14.34 -13.49
CA LYS B 46 -22.40 13.59 -12.24
C LYS B 46 -21.65 12.27 -12.50
N GLY B 47 -21.75 11.34 -11.54
CA GLY B 47 -21.09 10.07 -11.61
C GLY B 47 -21.95 8.96 -12.21
N LEU B 48 -21.51 7.73 -12.00
CA LEU B 48 -22.16 6.54 -12.55
C LEU B 48 -22.99 5.83 -11.48
N GLU B 49 -23.98 5.05 -11.93
CA GLU B 49 -24.91 4.40 -11.02
C GLU B 49 -25.52 3.16 -11.67
N TRP B 50 -25.54 2.05 -10.93
CA TRP B 50 -26.09 0.77 -11.39
C TRP B 50 -27.61 0.77 -11.24
N VAL B 51 -28.30 0.06 -12.15
CA VAL B 51 -29.75 0.11 -12.17
C VAL B 51 -30.40 -1.27 -12.00
N ALA B 52 -30.13 -2.21 -12.90
CA ALA B 52 -30.86 -3.47 -12.89
C ALA B 52 -30.03 -4.58 -13.53
N TYR B 53 -30.50 -5.81 -13.33
CA TYR B 53 -29.75 -7.02 -13.63
C TYR B 53 -30.67 -8.16 -14.06
N ILE B 54 -30.32 -8.84 -15.16
CA ILE B 54 -31.02 -10.06 -15.56
C ILE B 54 -30.02 -11.12 -16.01
N SER B 55 -30.27 -12.35 -15.57
CA SER B 55 -29.61 -13.55 -16.07
C SER B 55 -30.69 -14.50 -16.55
N SER B 56 -30.66 -14.82 -17.85
CA SER B 56 -31.76 -15.57 -18.46
C SER B 56 -31.60 -17.08 -18.30
N SER B 57 -30.37 -17.56 -18.16
CA SER B 57 -30.15 -18.99 -17.98
C SER B 57 -30.75 -19.47 -16.66
N SER B 58 -30.56 -18.69 -15.59
CA SER B 58 -31.10 -19.04 -14.28
C SER B 58 -32.44 -18.37 -13.98
N GLY B 59 -32.91 -17.49 -14.86
CA GLY B 59 -34.15 -16.77 -14.60
C GLY B 59 -34.07 -15.84 -13.40
N SER B 60 -32.93 -15.20 -13.19
CA SER B 60 -32.70 -14.38 -12.02
C SER B 60 -32.74 -12.90 -12.40
N THR B 61 -33.31 -12.09 -11.53
CA THR B 61 -33.56 -10.69 -11.84
C THR B 61 -33.45 -9.86 -10.56
N SER B 62 -32.75 -8.73 -10.63
CA SER B 62 -32.63 -7.85 -9.48
C SER B 62 -32.62 -6.40 -9.93
N TYR B 63 -33.00 -5.51 -9.01
CA TYR B 63 -33.11 -4.09 -9.27
C TYR B 63 -32.45 -3.29 -8.16
N ALA B 64 -32.14 -2.04 -8.48
CA ALA B 64 -31.71 -1.07 -7.48
C ALA B 64 -32.88 -0.69 -6.59
N ASP B 65 -32.58 0.02 -5.50
CA ASP B 65 -33.62 0.32 -4.51
C ASP B 65 -34.69 1.24 -5.08
N SER B 66 -34.30 2.28 -5.83
CA SER B 66 -35.28 3.22 -6.35
C SER B 66 -36.02 2.66 -7.56
N VAL B 67 -35.32 1.90 -8.40
CA VAL B 67 -35.90 1.37 -9.63
C VAL B 67 -36.92 0.28 -9.32
N LYS B 68 -36.66 -0.55 -8.31
CA LYS B 68 -37.49 -1.71 -8.02
C LYS B 68 -38.93 -1.30 -7.72
N GLY B 69 -39.88 -1.99 -8.36
CA GLY B 69 -41.28 -1.69 -8.26
C GLY B 69 -41.83 -0.85 -9.40
N ARG B 70 -40.96 -0.17 -10.14
CA ARG B 70 -41.37 0.68 -11.25
C ARG B 70 -40.92 0.17 -12.61
N PHE B 71 -39.67 -0.28 -12.73
CA PHE B 71 -39.16 -0.78 -13.99
C PHE B 71 -39.20 -2.30 -13.99
N THR B 72 -39.24 -2.88 -15.18
CA THR B 72 -39.15 -4.34 -15.33
C THR B 72 -38.17 -4.67 -16.44
N ILE B 73 -37.60 -5.88 -16.38
CA ILE B 73 -36.60 -6.31 -17.35
C ILE B 73 -36.94 -7.72 -17.82
N SER B 74 -36.81 -7.93 -19.12
CA SER B 74 -37.14 -9.20 -19.75
C SER B 74 -36.06 -9.54 -20.78
N ALA B 75 -36.07 -10.79 -21.23
CA ALA B 75 -35.11 -11.24 -22.23
C ALA B 75 -35.78 -12.14 -23.25
N ASP B 76 -35.46 -11.94 -24.52
CA ASP B 76 -35.93 -12.77 -25.61
C ASP B 76 -34.71 -13.36 -26.30
N THR B 77 -34.52 -14.68 -26.14
CA THR B 77 -33.31 -15.33 -26.61
C THR B 77 -33.31 -15.53 -28.12
N SER B 78 -34.48 -15.84 -28.70
CA SER B 78 -34.56 -15.97 -30.15
C SER B 78 -34.28 -14.63 -30.83
N LYS B 79 -34.79 -13.54 -30.27
CA LYS B 79 -34.49 -12.21 -30.76
C LYS B 79 -33.17 -11.68 -30.24
N ASN B 80 -32.56 -12.33 -29.24
CA ASN B 80 -31.26 -11.96 -28.70
C ASN B 80 -31.27 -10.54 -28.14
N THR B 81 -32.31 -10.21 -27.40
CA THR B 81 -32.54 -8.83 -26.97
C THR B 81 -33.01 -8.79 -25.52
N ALA B 82 -32.55 -7.78 -24.78
CA ALA B 82 -33.06 -7.52 -23.44
C ALA B 82 -33.87 -6.24 -23.45
N TYR B 83 -34.96 -6.24 -22.68
CA TYR B 83 -35.88 -5.11 -22.60
C TYR B 83 -35.92 -4.58 -21.17
N LEU B 84 -35.96 -3.26 -21.04
CA LEU B 84 -36.26 -2.58 -19.79
C LEU B 84 -37.45 -1.69 -20.04
N GLN B 85 -38.57 -2.00 -19.38
CA GLN B 85 -39.79 -1.22 -19.49
C GLN B 85 -39.88 -0.26 -18.31
N MET B 86 -40.12 1.01 -18.61
CA MET B 86 -40.04 2.13 -17.68
C MET B 86 -41.42 2.76 -17.61
N ASN B 87 -42.01 2.78 -16.41
CA ASN B 87 -43.45 3.02 -16.30
C ASN B 87 -43.85 4.28 -15.54
N SER B 88 -43.09 4.70 -14.53
CA SER B 88 -43.39 5.90 -13.78
C SER B 88 -42.15 6.77 -13.82
N LEU B 89 -42.03 7.58 -14.88
CA LEU B 89 -40.83 8.36 -15.14
C LEU B 89 -40.94 9.74 -14.49
N ARG B 90 -39.86 10.17 -13.86
CA ARG B 90 -39.81 11.45 -13.16
C ARG B 90 -38.65 12.27 -13.70
N ALA B 91 -38.48 13.47 -13.14
CA ALA B 91 -37.43 14.37 -13.61
C ALA B 91 -36.03 13.87 -13.28
N GLU B 92 -35.90 13.03 -12.26
CA GLU B 92 -34.60 12.49 -11.86
C GLU B 92 -34.09 11.40 -12.79
N ASP B 93 -34.93 10.91 -13.71
CA ASP B 93 -34.52 9.89 -14.67
C ASP B 93 -33.80 10.47 -15.87
N THR B 94 -33.70 11.79 -15.98
CA THR B 94 -32.99 12.43 -17.09
C THR B 94 -31.52 12.08 -16.99
N ALA B 95 -31.03 11.25 -17.91
CA ALA B 95 -29.66 10.77 -17.82
C ALA B 95 -29.27 10.15 -19.17
N VAL B 96 -28.09 9.54 -19.19
CA VAL B 96 -27.63 8.74 -20.32
C VAL B 96 -27.50 7.30 -19.83
N TYR B 97 -28.06 6.37 -20.60
CA TYR B 97 -28.22 4.98 -20.18
C TYR B 97 -27.32 4.06 -20.99
N TYR B 98 -26.81 3.03 -20.32
CA TYR B 98 -25.82 2.08 -20.82
C TYR B 98 -26.28 0.66 -20.48
N CYS B 99 -26.02 -0.27 -21.37
CA CYS B 99 -26.20 -1.69 -21.07
C CYS B 99 -24.85 -2.39 -21.17
N ALA B 100 -24.50 -3.16 -20.14
CA ALA B 100 -23.21 -3.82 -20.04
C ALA B 100 -23.41 -5.31 -19.73
N ARG B 101 -22.34 -6.08 -19.85
CA ARG B 101 -22.38 -7.52 -19.69
C ARG B 101 -21.49 -7.96 -18.54
N TRP B 102 -21.70 -9.21 -18.11
CA TRP B 102 -20.88 -9.81 -17.06
C TRP B 102 -20.96 -11.33 -17.20
N GLY B 103 -19.81 -11.99 -17.06
CA GLY B 103 -19.73 -13.42 -17.22
C GLY B 103 -20.09 -14.18 -15.95
N TYR B 104 -19.93 -15.51 -16.03
CA TYR B 104 -20.41 -16.43 -15.00
C TYR B 104 -19.25 -17.10 -14.28
N TRP B 105 -19.43 -17.31 -12.98
CA TRP B 105 -18.54 -18.14 -12.20
C TRP B 105 -18.67 -19.60 -12.66
N PRO B 106 -17.57 -20.39 -12.66
CA PRO B 106 -16.19 -20.05 -12.29
C PRO B 106 -15.36 -19.49 -13.44
N GLY B 107 -14.13 -19.12 -13.16
CA GLY B 107 -13.15 -18.79 -14.17
C GLY B 107 -12.84 -17.30 -14.19
N GLU B 108 -11.97 -16.95 -15.15
CA GLU B 108 -11.74 -15.55 -15.46
C GLU B 108 -12.96 -14.76 -15.92
N PRO B 109 -13.97 -15.34 -16.62
CA PRO B 109 -15.15 -14.53 -16.99
C PRO B 109 -15.81 -13.78 -15.85
N TRP B 110 -15.83 -14.33 -14.63
CA TRP B 110 -16.41 -13.59 -13.53
C TRP B 110 -15.48 -12.50 -13.04
N TRP B 111 -14.16 -12.68 -13.15
CA TRP B 111 -13.23 -11.76 -12.50
C TRP B 111 -13.15 -10.42 -13.21
N LYS B 112 -13.30 -10.40 -14.53
CA LYS B 112 -13.37 -9.15 -15.26
C LYS B 112 -14.81 -8.64 -15.22
N ALA B 113 -15.02 -7.47 -14.61
CA ALA B 113 -16.39 -7.07 -14.26
C ALA B 113 -17.17 -6.55 -15.47
N PHE B 114 -16.76 -5.40 -16.03
CA PHE B 114 -17.49 -4.74 -17.11
C PHE B 114 -16.49 -4.45 -18.22
N ASP B 115 -16.25 -5.45 -19.07
CA ASP B 115 -15.30 -5.27 -20.15
C ASP B 115 -15.91 -4.64 -21.39
N TYR B 116 -17.24 -4.55 -21.48
CA TYR B 116 -17.90 -3.95 -22.64
C TYR B 116 -19.14 -3.21 -22.20
N TRP B 117 -19.31 -1.99 -22.74
CA TRP B 117 -20.46 -1.12 -22.50
C TRP B 117 -21.10 -0.79 -23.84
N GLY B 118 -22.24 -0.10 -23.77
CA GLY B 118 -22.87 0.46 -24.94
C GLY B 118 -22.61 1.97 -25.03
N GLN B 119 -22.93 2.53 -26.19
CA GLN B 119 -22.67 3.96 -26.40
C GLN B 119 -23.63 4.85 -25.62
N GLY B 120 -24.75 4.33 -25.16
CA GLY B 120 -25.68 5.07 -24.33
C GLY B 120 -26.76 5.77 -25.13
N THR B 121 -27.89 5.97 -24.47
CA THR B 121 -29.01 6.70 -25.05
C THR B 121 -29.54 7.70 -24.02
N LEU B 122 -29.92 8.88 -24.49
CA LEU B 122 -30.27 9.98 -23.60
C LEU B 122 -31.77 9.99 -23.37
N VAL B 123 -32.18 9.95 -22.11
CA VAL B 123 -33.58 10.02 -21.73
C VAL B 123 -33.80 11.32 -20.96
N THR B 124 -34.69 12.15 -21.47
CA THR B 124 -35.03 13.43 -20.86
C THR B 124 -36.52 13.48 -20.56
N VAL B 125 -36.85 13.92 -19.36
CA VAL B 125 -38.23 13.97 -18.88
C VAL B 125 -38.54 15.42 -18.53
N SER B 126 -39.43 16.04 -19.31
CA SER B 126 -39.79 17.44 -19.08
C SER B 126 -41.12 17.72 -19.77
N SER B 127 -41.96 18.53 -19.14
CA SER B 127 -43.25 18.93 -19.69
C SER B 127 -43.10 20.35 -20.23
N ALA B 128 -42.59 20.45 -21.45
CA ALA B 128 -42.41 21.74 -22.10
C ALA B 128 -42.52 21.55 -23.60
N SER B 129 -42.86 22.63 -24.29
CA SER B 129 -43.02 22.63 -25.73
C SER B 129 -41.90 23.46 -26.37
N THR B 130 -41.77 23.31 -27.68
CA THR B 130 -40.74 24.04 -28.42
C THR B 130 -41.04 25.53 -28.40
N LYS B 131 -39.99 26.32 -28.23
CA LYS B 131 -40.11 27.77 -28.16
C LYS B 131 -38.93 28.40 -28.90
N GLY B 132 -39.09 29.67 -29.25
CA GLY B 132 -38.04 30.42 -29.89
C GLY B 132 -37.28 31.30 -28.93
N PRO B 133 -35.98 31.44 -29.15
CA PRO B 133 -35.16 32.26 -28.26
C PRO B 133 -35.31 33.74 -28.57
N SER B 134 -34.96 34.57 -27.58
CA SER B 134 -34.94 36.01 -27.70
C SER B 134 -33.52 36.51 -27.45
N VAL B 135 -33.13 37.57 -28.16
CA VAL B 135 -31.73 38.00 -28.27
C VAL B 135 -31.62 39.44 -27.79
N PHE B 136 -30.60 39.70 -26.97
CA PHE B 136 -30.34 41.03 -26.46
C PHE B 136 -28.85 41.37 -26.58
N PRO B 137 -28.52 42.65 -26.75
CA PRO B 137 -27.10 43.04 -26.86
C PRO B 137 -26.51 43.40 -25.50
N LEU B 138 -25.18 43.49 -25.47
CA LEU B 138 -24.42 43.95 -24.30
C LEU B 138 -23.48 45.04 -24.81
N ALA B 139 -23.90 46.29 -24.68
CA ALA B 139 -23.17 47.41 -25.27
C ALA B 139 -21.97 47.77 -24.42
N PRO B 140 -20.79 47.92 -25.02
CA PRO B 140 -19.64 48.45 -24.28
C PRO B 140 -19.72 49.96 -24.14
N SER B 141 -18.89 50.48 -23.24
CA SER B 141 -18.77 51.92 -23.04
C SER B 141 -17.32 52.32 -23.30
N SER B 142 -17.12 53.20 -24.29
CA SER B 142 -15.78 53.66 -24.61
C SER B 142 -15.20 54.56 -23.54
N LYS B 143 -16.03 55.12 -22.67
CA LYS B 143 -15.54 56.02 -21.63
C LYS B 143 -14.73 55.28 -20.58
N SER B 144 -15.16 54.06 -20.22
CA SER B 144 -14.54 53.32 -19.13
C SER B 144 -13.67 52.15 -19.60
N THR B 145 -13.63 51.86 -20.89
CA THR B 145 -12.79 50.76 -21.41
C THR B 145 -11.36 51.26 -21.61
N SER B 146 -10.69 51.47 -20.48
CA SER B 146 -9.29 51.88 -20.50
C SER B 146 -8.39 50.67 -20.71
N GLY B 147 -7.13 50.93 -21.03
CA GLY B 147 -6.19 49.87 -21.29
C GLY B 147 -6.18 49.33 -22.70
N GLY B 148 -6.97 49.94 -23.59
CA GLY B 148 -6.97 49.52 -24.98
C GLY B 148 -7.72 48.22 -25.27
N THR B 149 -8.59 47.78 -24.36
CA THR B 149 -9.40 46.59 -24.58
C THR B 149 -10.84 46.88 -24.19
N ALA B 150 -11.77 46.29 -24.92
CA ALA B 150 -13.19 46.43 -24.65
C ALA B 150 -13.87 45.08 -24.84
N ALA B 151 -14.99 44.89 -24.15
CA ALA B 151 -15.74 43.64 -24.17
C ALA B 151 -17.11 43.87 -24.78
N LEU B 152 -17.60 42.89 -25.54
CA LEU B 152 -18.81 43.04 -26.32
C LEU B 152 -19.46 41.67 -26.52
N GLY B 153 -20.77 41.59 -26.42
CA GLY B 153 -21.40 40.29 -26.57
C GLY B 153 -22.91 40.37 -26.69
N CYS B 154 -23.54 39.20 -26.76
CA CYS B 154 -24.99 39.11 -26.83
C CYS B 154 -25.51 37.92 -26.04
N LEU B 155 -26.77 38.05 -25.62
CA LEU B 155 -27.42 37.13 -24.70
C LEU B 155 -28.61 36.48 -25.39
N VAL B 156 -28.71 35.15 -25.28
CA VAL B 156 -29.78 34.36 -25.88
C VAL B 156 -30.58 33.74 -24.75
N LYS B 157 -31.90 33.85 -24.81
CA LYS B 157 -32.72 33.51 -23.66
C LYS B 157 -33.97 32.77 -24.07
N ASP B 158 -34.45 31.89 -23.17
CA ASP B 158 -35.79 31.30 -23.20
C ASP B 158 -36.03 30.48 -24.49
N TYR B 159 -35.28 29.38 -24.59
CA TYR B 159 -35.48 28.42 -25.65
C TYR B 159 -35.65 27.02 -25.08
N PHE B 160 -36.20 26.12 -25.90
CA PHE B 160 -36.38 24.70 -25.59
C PHE B 160 -36.70 23.97 -26.88
N PRO B 161 -36.12 22.79 -27.13
CA PRO B 161 -35.09 22.11 -26.34
C PRO B 161 -33.68 22.47 -26.82
N GLU B 162 -32.68 21.72 -26.38
CA GLU B 162 -31.33 21.86 -26.89
C GLU B 162 -31.25 21.37 -28.34
N PRO B 163 -30.28 21.85 -29.13
CA PRO B 163 -29.28 22.88 -28.84
C PRO B 163 -29.50 24.19 -29.59
N VAL B 164 -28.63 25.17 -29.35
CA VAL B 164 -28.67 26.48 -30.00
C VAL B 164 -27.25 26.82 -30.42
N THR B 165 -27.10 27.29 -31.66
CA THR B 165 -25.77 27.62 -32.19
C THR B 165 -25.62 29.13 -32.31
N VAL B 166 -24.50 29.65 -31.81
CA VAL B 166 -24.19 31.08 -31.83
C VAL B 166 -22.89 31.28 -32.61
N SER B 167 -22.90 32.25 -33.52
CA SER B 167 -21.73 32.59 -34.31
C SER B 167 -21.56 34.11 -34.31
N TRP B 168 -20.34 34.55 -34.58
CA TRP B 168 -20.02 35.97 -34.59
C TRP B 168 -19.51 36.37 -35.97
N ASN B 169 -20.15 37.38 -36.56
CA ASN B 169 -19.78 37.93 -37.87
C ASN B 169 -19.77 36.84 -38.94
N SER B 170 -20.75 35.94 -38.88
CA SER B 170 -20.88 34.80 -39.80
C SER B 170 -19.62 33.94 -39.80
N GLY B 171 -19.03 33.75 -38.62
CA GLY B 171 -17.85 32.95 -38.46
C GLY B 171 -16.53 33.67 -38.70
N ALA B 172 -16.56 34.97 -38.98
CA ALA B 172 -15.31 35.70 -39.19
C ALA B 172 -14.56 35.89 -37.89
N LEU B 173 -15.26 36.22 -36.80
CA LEU B 173 -14.63 36.43 -35.50
C LEU B 173 -14.51 35.08 -34.80
N THR B 174 -13.29 34.55 -34.73
CA THR B 174 -13.03 33.29 -34.06
C THR B 174 -11.91 33.39 -33.02
N SER B 175 -11.40 34.58 -32.75
CA SER B 175 -10.30 34.77 -31.82
C SER B 175 -10.75 35.66 -30.67
N GLY B 176 -10.52 35.20 -29.45
CA GLY B 176 -10.93 35.95 -28.28
C GLY B 176 -12.41 35.89 -27.99
N VAL B 177 -13.12 34.91 -28.52
CA VAL B 177 -14.56 34.76 -28.32
C VAL B 177 -14.81 33.61 -27.36
N HIS B 178 -15.73 33.82 -26.42
CA HIS B 178 -16.07 32.81 -25.42
C HIS B 178 -17.57 32.63 -25.38
N THR B 179 -18.01 31.38 -25.48
CA THR B 179 -19.42 31.00 -25.37
C THR B 179 -19.59 30.09 -24.16
N PHE B 180 -20.57 30.37 -23.37
CA PHE B 180 -20.69 29.65 -22.12
C PHE B 180 -21.76 28.56 -22.23
N PRO B 181 -21.63 27.48 -21.46
CA PRO B 181 -22.61 26.39 -21.56
C PRO B 181 -23.99 26.81 -21.09
N ALA B 182 -25.01 26.14 -21.64
CA ALA B 182 -26.40 26.47 -21.33
C ALA B 182 -26.75 26.10 -19.90
N VAL B 183 -27.64 26.89 -19.31
CA VAL B 183 -28.07 26.71 -17.94
C VAL B 183 -29.58 26.54 -17.93
N LEU B 184 -30.05 25.48 -17.26
CA LEU B 184 -31.48 25.21 -17.16
C LEU B 184 -32.11 26.15 -16.15
N GLN B 185 -33.03 26.99 -16.62
CA GLN B 185 -33.71 27.93 -15.75
C GLN B 185 -34.83 27.25 -14.97
N SER B 186 -35.37 27.98 -13.99
CA SER B 186 -36.49 27.47 -13.21
C SER B 186 -37.75 27.31 -14.04
N SER B 187 -37.89 28.07 -15.13
CA SER B 187 -39.05 27.98 -16.00
C SER B 187 -39.05 26.72 -16.87
N GLY B 188 -37.94 25.97 -16.88
CA GLY B 188 -37.82 24.80 -17.73
C GLY B 188 -37.15 25.06 -19.06
N LEU B 189 -36.64 26.27 -19.29
CA LEU B 189 -36.00 26.65 -20.53
C LEU B 189 -34.53 26.97 -20.26
N TYR B 190 -33.81 27.43 -21.28
CA TYR B 190 -32.37 27.61 -21.18
C TYR B 190 -31.96 29.02 -21.58
N SER B 191 -30.78 29.40 -21.10
CA SER B 191 -30.17 30.70 -21.41
C SER B 191 -28.69 30.49 -21.72
N LEU B 192 -28.11 31.47 -22.42
CA LEU B 192 -26.73 31.37 -22.88
C LEU B 192 -26.21 32.77 -23.19
N SER B 193 -24.89 32.93 -23.12
CA SER B 193 -24.25 34.21 -23.40
C SER B 193 -23.02 34.00 -24.29
N SER B 194 -22.68 35.02 -25.07
CA SER B 194 -21.47 34.99 -25.88
C SER B 194 -20.76 36.33 -25.77
N VAL B 195 -19.45 36.31 -25.54
CA VAL B 195 -18.65 37.52 -25.36
C VAL B 195 -17.41 37.46 -26.25
N VAL B 196 -16.82 38.64 -26.44
CA VAL B 196 -15.62 38.78 -27.27
C VAL B 196 -14.90 40.05 -26.83
N THR B 197 -13.58 40.10 -27.06
CA THR B 197 -12.75 41.24 -26.70
C THR B 197 -12.15 41.86 -27.95
N VAL B 198 -12.13 43.19 -28.00
CA VAL B 198 -11.63 43.93 -29.15
C VAL B 198 -10.71 45.05 -28.69
N PRO B 199 -9.77 45.50 -29.52
CA PRO B 199 -9.00 46.71 -29.17
C PRO B 199 -9.89 47.94 -29.13
N SER B 200 -9.59 48.83 -28.18
CA SER B 200 -10.47 49.97 -27.94
C SER B 200 -10.39 51.00 -29.06
N SER B 201 -9.28 51.03 -29.81
CA SER B 201 -9.19 51.93 -30.95
C SER B 201 -10.17 51.54 -32.04
N SER B 202 -10.32 50.24 -32.29
CA SER B 202 -11.24 49.78 -33.32
C SER B 202 -12.71 49.92 -32.91
N LEU B 203 -12.97 50.11 -31.62
CA LEU B 203 -14.34 50.32 -31.16
C LEU B 203 -14.87 51.66 -31.68
N GLY B 204 -16.11 51.64 -32.18
CA GLY B 204 -16.72 52.82 -32.76
C GLY B 204 -16.51 53.00 -34.24
N THR B 205 -15.70 52.14 -34.87
CA THR B 205 -15.47 52.19 -36.31
C THR B 205 -15.98 50.99 -37.08
N GLN B 206 -16.12 49.83 -36.42
CA GLN B 206 -16.60 48.61 -37.07
C GLN B 206 -17.81 48.08 -36.33
N THR B 207 -18.79 47.60 -37.09
CA THR B 207 -19.99 47.01 -36.52
C THR B 207 -19.76 45.52 -36.23
N TYR B 208 -20.56 44.99 -35.31
CA TYR B 208 -20.44 43.60 -34.90
C TYR B 208 -21.81 42.93 -34.93
N ILE B 209 -21.86 41.71 -35.44
CA ILE B 209 -23.10 40.96 -35.62
C ILE B 209 -22.96 39.62 -34.91
N CYS B 210 -23.99 39.24 -34.15
CA CYS B 210 -24.06 37.89 -33.59
C CYS B 210 -25.31 37.19 -34.11
N ASN B 211 -25.12 35.95 -34.54
CA ASN B 211 -26.16 35.16 -35.21
C ASN B 211 -26.50 33.96 -34.34
N VAL B 212 -27.79 33.70 -34.15
CA VAL B 212 -28.27 32.61 -33.32
C VAL B 212 -29.24 31.76 -34.14
N ASN B 213 -29.07 30.44 -34.05
CA ASN B 213 -29.86 29.50 -34.83
C ASN B 213 -30.40 28.40 -33.92
N HIS B 214 -31.69 28.09 -34.08
CA HIS B 214 -32.37 27.02 -33.36
C HIS B 214 -33.11 26.16 -34.37
N LYS B 215 -32.75 24.88 -34.44
CA LYS B 215 -33.32 23.95 -35.41
C LYS B 215 -34.72 23.45 -35.08
N PRO B 216 -35.00 22.95 -33.86
CA PRO B 216 -36.36 22.43 -33.60
C PRO B 216 -37.48 23.45 -33.74
N SER B 217 -37.23 24.72 -33.40
CA SER B 217 -38.24 25.75 -33.55
C SER B 217 -38.13 26.50 -34.87
N ASN B 218 -37.09 26.21 -35.67
CA ASN B 218 -36.84 26.87 -36.96
C ASN B 218 -36.74 28.38 -36.80
N THR B 219 -35.72 28.81 -36.06
CA THR B 219 -35.51 30.23 -35.78
C THR B 219 -34.09 30.64 -36.14
N LYS B 220 -33.96 31.79 -36.78
CA LYS B 220 -32.66 32.36 -37.15
C LYS B 220 -32.72 33.87 -36.90
N VAL B 221 -31.90 34.36 -35.96
CA VAL B 221 -31.93 35.77 -35.59
C VAL B 221 -30.52 36.34 -35.70
N ASP B 222 -30.41 37.52 -36.30
CA ASP B 222 -29.16 38.28 -36.36
C ASP B 222 -29.32 39.58 -35.59
N LYS B 223 -28.36 39.87 -34.71
CA LYS B 223 -28.40 41.06 -33.88
C LYS B 223 -27.12 41.87 -34.05
N LYS B 224 -27.28 43.19 -34.18
CA LYS B 224 -26.16 44.11 -34.35
C LYS B 224 -25.87 44.82 -33.03
N VAL B 225 -24.60 44.83 -32.63
CA VAL B 225 -24.16 45.45 -31.38
C VAL B 225 -23.35 46.69 -31.72
N GLU B 226 -23.71 47.81 -31.09
CA GLU B 226 -23.04 49.09 -31.35
C GLU B 226 -22.64 49.73 -30.03
N PRO B 227 -21.54 50.49 -30.02
CA PRO B 227 -21.14 51.19 -28.80
C PRO B 227 -22.14 52.27 -28.42
N LYS B 228 -22.23 52.52 -27.12
CA LYS B 228 -23.13 53.55 -26.61
C LYS B 228 -22.35 54.72 -26.02
N GLN C 3 -5.39 39.36 14.96
CA GLN C 3 -5.26 38.21 15.85
C GLN C 3 -3.86 37.60 15.77
N VAL C 4 -3.47 37.18 14.57
CA VAL C 4 -2.16 36.58 14.40
C VAL C 4 -1.08 37.66 14.44
N GLN C 5 0.15 37.22 14.66
CA GLN C 5 1.32 38.09 14.68
C GLN C 5 2.40 37.47 13.81
N LEU C 6 2.74 38.14 12.72
CA LEU C 6 3.65 37.62 11.72
C LEU C 6 4.98 38.35 11.79
N GLN C 7 6.07 37.62 11.55
CA GLN C 7 7.41 38.16 11.57
C GLN C 7 8.14 37.79 10.28
N GLU C 8 8.92 38.74 9.77
CA GLU C 8 9.77 38.51 8.61
C GLU C 8 11.23 38.67 9.04
N SER C 9 12.02 37.62 8.82
CA SER C 9 13.43 37.60 9.18
C SER C 9 14.28 37.60 7.92
N GLY C 10 15.18 38.57 7.82
CA GLY C 10 16.05 38.73 6.68
C GLY C 10 16.05 40.17 6.18
N GLY C 11 16.94 40.41 5.22
CA GLY C 11 16.96 41.69 4.54
C GLY C 11 18.27 42.45 4.56
N GLY C 12 19.36 41.76 4.84
CA GLY C 12 20.65 42.40 4.86
C GLY C 12 21.14 42.76 3.46
N LEU C 13 22.13 43.65 3.42
CA LEU C 13 22.73 44.05 2.15
C LEU C 13 23.50 42.88 1.55
N VAL C 14 23.21 42.56 0.30
CA VAL C 14 23.79 41.42 -0.39
C VAL C 14 24.28 41.86 -1.76
N GLN C 15 25.39 41.29 -2.20
CA GLN C 15 25.97 41.63 -3.49
C GLN C 15 25.09 41.13 -4.62
N PRO C 16 25.19 41.74 -5.81
CA PRO C 16 24.47 41.21 -6.97
C PRO C 16 24.92 39.80 -7.31
N GLY C 17 23.96 38.99 -7.74
CA GLY C 17 24.21 37.60 -8.07
C GLY C 17 24.24 36.65 -6.89
N GLY C 18 24.07 37.16 -5.67
CA GLY C 18 24.15 36.34 -4.48
C GLY C 18 22.79 35.87 -4.01
N SER C 19 22.77 34.70 -3.36
CA SER C 19 21.54 34.13 -2.85
C SER C 19 21.12 34.85 -1.57
N LEU C 20 19.88 34.59 -1.16
CA LEU C 20 19.37 35.13 0.08
C LEU C 20 18.22 34.25 0.54
N ARG C 21 17.92 34.30 1.84
CA ARG C 21 16.80 33.55 2.39
C ARG C 21 15.98 34.44 3.30
N LEU C 22 14.68 34.47 3.08
CA LEU C 22 13.73 35.18 3.94
C LEU C 22 12.86 34.17 4.66
N SER C 23 12.57 34.44 5.93
CA SER C 23 11.75 33.56 6.75
C SER C 23 10.50 34.30 7.16
N CYS C 24 9.34 33.69 6.92
CA CYS C 24 8.05 34.21 7.37
C CYS C 24 7.55 33.27 8.46
N ALA C 25 7.37 33.81 9.66
CA ALA C 25 7.02 33.01 10.83
C ALA C 25 5.80 33.60 11.52
N ALA C 26 4.75 32.79 11.63
CA ALA C 26 3.58 33.17 12.41
C ALA C 26 3.79 32.72 13.86
N SER C 27 3.70 33.67 14.79
CA SER C 27 4.02 33.37 16.19
C SER C 27 2.90 32.56 16.84
N GLY C 28 2.82 31.28 16.51
CA GLY C 28 1.77 30.43 17.02
C GLY C 28 0.65 30.19 16.03
N ARG C 29 -0.57 29.98 16.54
CA ARG C 29 -1.74 29.61 15.75
C ARG C 29 -1.46 28.39 14.89
N THR C 30 -2.07 28.33 13.71
CA THR C 30 -1.92 27.18 12.83
C THR C 30 -1.80 27.65 11.39
N ILE C 31 -0.92 27.00 10.64
CA ILE C 31 -0.71 27.27 9.23
C ILE C 31 -1.05 26.02 8.40
N SER C 32 -1.56 24.98 9.06
CA SER C 32 -1.73 23.67 8.45
C SER C 32 -2.77 23.67 7.33
N ARG C 33 -3.90 24.35 7.53
CA ARG C 33 -5.01 24.31 6.60
C ARG C 33 -5.17 25.59 5.80
N TYR C 34 -4.24 26.53 5.93
CA TYR C 34 -4.30 27.81 5.24
C TYR C 34 -3.35 27.82 4.05
N ALA C 35 -3.17 28.98 3.45
CA ALA C 35 -2.19 29.20 2.39
C ALA C 35 -1.42 30.47 2.69
N MET C 36 -0.14 30.49 2.30
CA MET C 36 0.75 31.60 2.59
C MET C 36 1.16 32.29 1.29
N SER C 37 1.28 33.62 1.33
CA SER C 37 1.61 34.39 0.15
C SER C 37 2.70 35.40 0.45
N TRP C 38 3.56 35.64 -0.55
CA TRP C 38 4.63 36.63 -0.46
C TRP C 38 4.37 37.76 -1.45
N PHE C 39 4.66 38.99 -1.03
CA PHE C 39 4.34 40.17 -1.84
C PHE C 39 5.49 41.16 -1.85
N ARG C 40 5.80 41.68 -3.04
CA ARG C 40 6.79 42.73 -3.21
C ARG C 40 6.17 44.10 -2.95
N GLN C 41 7.02 45.11 -2.78
CA GLN C 41 6.58 46.50 -2.88
C GLN C 41 7.79 47.36 -3.21
N ALA C 42 7.80 47.95 -4.40
CA ALA C 42 8.83 48.88 -4.81
C ALA C 42 8.58 50.27 -4.23
N PRO C 43 9.61 51.12 -4.16
CA PRO C 43 9.37 52.49 -3.70
C PRO C 43 8.37 53.27 -4.56
N GLY C 44 8.36 53.06 -5.87
CA GLY C 44 7.49 53.79 -6.76
C GLY C 44 6.34 53.01 -7.37
N LYS C 45 6.07 51.79 -6.90
CA LYS C 45 5.01 50.97 -7.50
C LYS C 45 4.07 50.42 -6.44
N GLU C 46 3.18 49.53 -6.85
CA GLU C 46 2.24 48.87 -5.93
C GLU C 46 2.66 47.43 -5.71
N ARG C 47 1.99 46.78 -4.77
CA ARG C 47 2.34 45.42 -4.39
C ARG C 47 2.08 44.45 -5.54
N GLU C 48 2.93 43.46 -5.68
CA GLU C 48 2.81 42.47 -6.74
C GLU C 48 2.88 41.08 -6.14
N PHE C 49 2.19 40.14 -6.79
CA PHE C 49 2.18 38.76 -6.36
C PHE C 49 3.52 38.10 -6.66
N VAL C 50 4.05 37.37 -5.68
CA VAL C 50 5.33 36.68 -5.82
C VAL C 50 5.15 35.16 -5.82
N ALA C 51 4.61 34.60 -4.73
CA ALA C 51 4.42 33.17 -4.64
C ALA C 51 3.38 32.85 -3.58
N VAL C 52 2.81 31.65 -3.70
CA VAL C 52 1.83 31.13 -2.75
C VAL C 52 2.14 29.65 -2.49
N ALA C 53 2.04 29.26 -1.22
CA ALA C 53 2.12 27.87 -0.79
C ALA C 53 0.75 27.44 -0.29
N ARG C 54 0.22 26.38 -0.89
CA ARG C 54 -1.09 25.84 -0.55
C ARG C 54 -0.94 24.74 0.50
N ARG C 55 -2.02 24.00 0.75
CA ARG C 55 -1.98 22.89 1.68
C ARG C 55 -1.12 21.76 1.12
N SER C 56 -0.53 20.98 2.03
CA SER C 56 0.44 19.96 1.63
C SER C 56 -0.21 18.90 0.76
N GLY C 57 0.47 18.55 -0.33
CA GLY C 57 -0.03 17.59 -1.29
C GLY C 57 -0.68 18.20 -2.51
N ASP C 58 -0.98 19.50 -2.49
CA ASP C 58 -1.60 20.18 -3.61
C ASP C 58 -0.60 20.90 -4.50
N GLY C 59 0.26 21.74 -3.91
CA GLY C 59 1.31 22.38 -4.69
C GLY C 59 1.58 23.83 -4.34
N ALA C 60 2.54 24.42 -5.04
CA ALA C 60 2.93 25.81 -4.84
C ALA C 60 2.94 26.53 -6.18
N PHE C 61 2.71 27.84 -6.16
CA PHE C 61 2.59 28.62 -7.37
C PHE C 61 3.44 29.88 -7.29
N TYR C 62 3.94 30.32 -8.44
CA TYR C 62 4.82 31.47 -8.55
C TYR C 62 4.32 32.40 -9.65
N ALA C 63 4.87 33.62 -9.66
CA ALA C 63 4.53 34.61 -10.67
C ALA C 63 5.31 34.34 -11.96
N ASP C 64 5.18 35.24 -12.92
CA ASP C 64 5.86 35.06 -14.21
C ASP C 64 7.27 35.63 -14.23
N SER C 65 7.60 36.57 -13.34
CA SER C 65 8.96 37.08 -13.22
C SER C 65 9.72 36.40 -12.08
N VAL C 66 9.15 35.35 -11.51
CA VAL C 66 9.65 34.73 -10.29
C VAL C 66 9.97 33.25 -10.45
N GLN C 67 9.40 32.59 -11.46
CA GLN C 67 9.40 31.12 -11.52
C GLN C 67 10.81 30.55 -11.60
N GLY C 68 11.70 31.21 -12.35
CA GLY C 68 13.03 30.65 -12.53
C GLY C 68 13.87 30.62 -11.26
N ARG C 69 13.82 31.71 -10.47
CA ARG C 69 14.78 31.90 -9.38
C ARG C 69 14.22 31.53 -8.02
N PHE C 70 13.13 32.17 -7.59
CA PHE C 70 12.71 32.06 -6.20
C PHE C 70 12.09 30.68 -5.94
N THR C 71 12.07 30.30 -4.67
CA THR C 71 11.40 29.05 -4.30
C THR C 71 10.81 29.21 -2.91
N VAL C 72 9.72 28.48 -2.66
CA VAL C 72 8.97 28.55 -1.42
C VAL C 72 8.93 27.17 -0.79
N SER C 73 9.31 27.10 0.48
CA SER C 73 9.30 25.85 1.24
C SER C 73 8.47 26.05 2.50
N ARG C 74 7.98 24.96 3.05
CA ARG C 74 7.05 25.01 4.17
C ARG C 74 7.48 24.06 5.27
N ASP C 75 7.30 24.47 6.52
CA ASP C 75 7.64 23.67 7.69
C ASP C 75 6.46 23.70 8.65
N ASP C 76 5.78 22.57 8.80
CA ASP C 76 4.63 22.49 9.70
C ASP C 76 5.02 22.25 11.15
N ALA C 77 6.27 21.88 11.43
CA ALA C 77 6.70 21.69 12.81
C ALA C 77 6.69 23.01 13.57
N LYS C 78 7.32 24.04 13.00
CA LYS C 78 7.26 25.39 13.53
C LYS C 78 6.31 26.28 12.76
N ASN C 79 5.54 25.69 11.83
CA ASN C 79 4.58 26.35 10.94
C ASN C 79 5.10 27.69 10.40
N THR C 80 6.21 27.60 9.68
CA THR C 80 6.82 28.75 9.04
C THR C 80 6.99 28.45 7.55
N VAL C 81 7.24 29.50 6.78
CA VAL C 81 7.48 29.36 5.35
C VAL C 81 8.75 30.11 4.99
N TYR C 82 9.47 29.61 4.00
CA TYR C 82 10.77 30.14 3.62
C TYR C 82 10.77 30.51 2.15
N LEU C 83 11.22 31.72 1.85
CA LEU C 83 11.40 32.18 0.48
C LEU C 83 12.89 32.26 0.22
N GLN C 84 13.41 31.31 -0.56
CA GLN C 84 14.83 31.28 -0.92
C GLN C 84 14.99 31.84 -2.32
N MET C 85 15.78 32.88 -2.47
CA MET C 85 15.94 33.57 -3.74
C MET C 85 17.38 33.48 -4.22
N ASN C 86 17.56 33.26 -5.51
CA ASN C 86 18.88 33.09 -6.10
C ASN C 86 18.99 33.96 -7.35
N SER C 87 20.24 34.26 -7.72
CA SER C 87 20.58 34.96 -8.96
C SER C 87 19.87 36.32 -9.04
N LEU C 88 20.05 37.12 -8.00
CA LEU C 88 19.37 38.41 -7.93
C LEU C 88 20.06 39.43 -8.82
N LYS C 89 19.33 40.49 -9.14
CA LYS C 89 19.82 41.60 -9.96
C LYS C 89 19.31 42.88 -9.34
N PRO C 90 19.95 44.02 -9.61
CA PRO C 90 19.64 45.25 -8.84
C PRO C 90 18.20 45.76 -8.97
N GLU C 91 17.39 45.23 -9.87
CA GLU C 91 15.99 45.64 -9.94
C GLU C 91 15.10 44.87 -8.98
N ASP C 92 15.66 43.93 -8.22
CA ASP C 92 14.89 43.14 -7.27
C ASP C 92 14.76 43.82 -5.90
N THR C 93 15.44 44.94 -5.68
CA THR C 93 15.37 45.61 -4.38
C THR C 93 13.98 46.16 -4.11
N ALA C 94 13.43 45.83 -2.95
CA ALA C 94 12.06 46.18 -2.60
C ALA C 94 11.82 45.78 -1.16
N VAL C 95 10.64 46.13 -0.66
CA VAL C 95 10.22 45.72 0.68
C VAL C 95 9.27 44.55 0.54
N TYR C 96 9.56 43.46 1.25
CA TYR C 96 8.82 42.22 1.11
C TYR C 96 7.88 42.03 2.30
N TYR C 97 6.70 41.49 2.00
CA TYR C 97 5.63 41.33 2.97
C TYR C 97 5.05 39.93 2.84
N CYS C 98 4.43 39.46 3.91
CA CYS C 98 3.91 38.11 3.99
C CYS C 98 2.45 38.17 4.43
N ALA C 99 1.60 37.35 3.81
CA ALA C 99 0.17 37.42 4.05
C ALA C 99 -0.42 36.02 4.15
N ILE C 100 -1.56 35.94 4.85
CA ILE C 100 -2.25 34.67 5.11
C ILE C 100 -3.61 34.72 4.43
N ASP C 101 -3.92 33.67 3.67
CA ASP C 101 -5.20 33.56 2.99
C ASP C 101 -6.20 32.87 3.91
N SER C 102 -7.30 33.55 4.21
CA SER C 102 -8.24 33.10 5.23
C SER C 102 -9.27 32.10 4.71
N ASP C 103 -9.32 31.85 3.41
CA ASP C 103 -10.33 30.97 2.83
C ASP C 103 -9.73 29.60 2.54
N THR C 104 -10.37 28.56 3.07
CA THR C 104 -9.91 27.19 2.88
C THR C 104 -10.24 26.65 1.50
N PHE C 105 -11.09 27.32 0.73
CA PHE C 105 -11.42 26.92 -0.63
C PHE C 105 -10.53 27.63 -1.66
N TYR C 106 -9.40 28.19 -1.22
CA TYR C 106 -8.40 28.80 -2.10
C TYR C 106 -8.98 29.99 -2.87
N SER C 107 -9.83 30.78 -2.20
CA SER C 107 -10.22 32.08 -2.71
C SER C 107 -9.36 33.14 -2.05
N GLY C 108 -8.77 34.01 -2.86
CA GLY C 108 -7.82 34.99 -2.35
C GLY C 108 -8.44 35.99 -1.40
N SER C 109 -8.08 35.90 -0.13
CA SER C 109 -8.60 36.83 0.89
C SER C 109 -7.51 37.03 1.93
N TYR C 110 -6.74 38.11 1.77
CA TYR C 110 -5.61 38.40 2.63
C TYR C 110 -5.99 39.49 3.62
N ASP C 111 -5.86 39.19 4.91
CA ASP C 111 -6.26 40.12 5.97
C ASP C 111 -5.13 40.52 6.90
N TYR C 112 -4.04 39.76 6.95
CA TYR C 112 -2.92 40.03 7.84
C TYR C 112 -1.66 40.18 7.01
N TRP C 113 -0.88 41.24 7.27
CA TRP C 113 0.22 41.60 6.39
C TRP C 113 1.58 41.67 7.08
N GLY C 114 1.64 41.89 8.40
CA GLY C 114 2.92 42.02 9.05
C GLY C 114 3.53 43.39 8.79
N GLN C 115 4.86 43.42 8.66
CA GLN C 115 5.56 44.69 8.50
C GLN C 115 6.51 44.67 7.30
N GLY C 116 7.05 43.51 6.96
CA GLY C 116 7.94 43.39 5.83
C GLY C 116 9.37 43.75 6.16
N THR C 117 10.27 43.41 5.23
CA THR C 117 11.69 43.67 5.38
C THR C 117 12.24 44.24 4.07
N GLN C 118 13.24 45.11 4.20
CA GLN C 118 13.84 45.76 3.04
C GLN C 118 14.97 44.92 2.48
N VAL C 119 14.93 44.64 1.18
CA VAL C 119 15.99 43.92 0.49
C VAL C 119 16.62 44.88 -0.51
N THR C 120 17.90 45.17 -0.32
CA THR C 120 18.63 46.09 -1.16
C THR C 120 19.76 45.35 -1.85
N VAL C 121 20.00 45.69 -3.12
CA VAL C 121 21.12 45.19 -3.89
C VAL C 121 21.91 46.40 -4.38
N SER C 122 23.22 46.40 -4.11
CA SER C 122 24.08 47.49 -4.55
C SER C 122 24.22 47.51 -6.06
N ASP D 2 -24.38 -2.36 1.85
CA ASP D 2 -24.00 -1.45 0.77
C ASP D 2 -22.57 -0.96 0.95
N ILE D 3 -21.64 -1.64 0.28
CA ILE D 3 -20.23 -1.31 0.40
C ILE D 3 -19.95 -0.01 -0.33
N GLN D 4 -19.25 0.92 0.33
CA GLN D 4 -18.97 2.24 -0.20
C GLN D 4 -17.50 2.37 -0.57
N MET D 5 -17.22 3.27 -1.52
CA MET D 5 -15.86 3.55 -1.97
C MET D 5 -15.60 5.04 -1.85
N THR D 6 -14.44 5.39 -1.28
CA THR D 6 -14.02 6.78 -1.11
C THR D 6 -12.76 7.02 -1.92
N GLN D 7 -12.78 8.06 -2.76
CA GLN D 7 -11.73 8.33 -3.72
C GLN D 7 -11.09 9.68 -3.42
N SER D 8 -9.75 9.74 -3.45
CA SER D 8 -9.00 10.94 -3.17
C SER D 8 -7.82 11.09 -4.12
N PRO D 9 -7.50 12.31 -4.56
CA PRO D 9 -8.21 13.57 -4.30
C PRO D 9 -9.34 13.81 -5.30
N SER D 10 -9.92 15.00 -5.36
CA SER D 10 -10.97 15.32 -6.31
C SER D 10 -10.44 16.02 -7.55
N SER D 11 -9.68 17.09 -7.36
CA SER D 11 -9.03 17.81 -8.45
C SER D 11 -7.53 17.73 -8.26
N LEU D 12 -6.82 17.45 -9.36
CA LEU D 12 -5.37 17.36 -9.34
C LEU D 12 -4.82 18.21 -10.47
N SER D 13 -3.77 18.97 -10.19
CA SER D 13 -3.10 19.80 -11.17
C SER D 13 -1.66 19.33 -11.28
N ALA D 14 -1.22 19.04 -12.49
CA ALA D 14 0.13 18.50 -12.67
C ALA D 14 0.68 18.98 -13.99
N SER D 15 1.84 18.46 -14.36
CA SER D 15 2.50 18.77 -15.61
C SER D 15 2.95 17.48 -16.26
N VAL D 16 3.24 17.55 -17.56
CA VAL D 16 3.68 16.37 -18.29
C VAL D 16 5.04 15.94 -17.78
N GLY D 17 5.13 14.68 -17.37
CA GLY D 17 6.32 14.16 -16.73
C GLY D 17 6.24 14.04 -15.23
N ASP D 18 5.11 14.38 -14.62
CA ASP D 18 4.95 14.21 -13.19
C ASP D 18 4.58 12.77 -12.85
N ARG D 19 4.59 12.46 -11.56
CA ARG D 19 4.18 11.16 -11.06
C ARG D 19 2.90 11.33 -10.24
N VAL D 20 1.85 10.61 -10.63
CA VAL D 20 0.50 10.86 -10.12
C VAL D 20 0.02 9.62 -9.37
N THR D 21 -0.58 9.86 -8.20
CA THR D 21 -1.09 8.80 -7.34
C THR D 21 -2.51 9.13 -6.90
N ILE D 22 -3.43 8.18 -7.07
CA ILE D 22 -4.83 8.32 -6.67
C ILE D 22 -5.16 7.15 -5.75
N THR D 23 -5.93 7.43 -4.69
CA THR D 23 -6.22 6.43 -3.67
C THR D 23 -7.72 6.18 -3.57
N CYS D 24 -8.11 4.91 -3.50
CA CYS D 24 -9.48 4.50 -3.25
C CYS D 24 -9.51 3.61 -2.02
N ARG D 25 -10.59 3.71 -1.24
CA ARG D 25 -10.72 2.97 0.00
C ARG D 25 -12.11 2.37 0.11
N ALA D 26 -12.18 1.12 0.56
CA ALA D 26 -13.42 0.36 0.67
C ALA D 26 -13.85 0.25 2.13
N SER D 27 -15.16 0.13 2.33
CA SER D 27 -15.69 0.06 3.70
C SER D 27 -15.42 -1.30 4.32
N GLN D 28 -15.60 -2.38 3.56
CA GLN D 28 -15.35 -3.73 4.01
C GLN D 28 -14.26 -4.36 3.16
N SER D 29 -14.00 -5.64 3.39
CA SER D 29 -13.05 -6.40 2.59
C SER D 29 -13.77 -7.01 1.40
N VAL D 30 -13.34 -6.64 0.20
CA VAL D 30 -13.87 -7.21 -1.03
C VAL D 30 -12.85 -8.15 -1.67
N SER D 31 -11.89 -8.64 -0.89
CA SER D 31 -10.74 -9.41 -1.37
C SER D 31 -10.01 -8.54 -2.39
N SER D 32 -9.81 -8.99 -3.62
CA SER D 32 -9.16 -8.20 -4.65
C SER D 32 -10.08 -7.94 -5.83
N ALA D 33 -11.37 -7.74 -5.57
CA ALA D 33 -12.37 -7.52 -6.62
C ALA D 33 -12.64 -6.03 -6.78
N VAL D 34 -11.66 -5.33 -7.33
CA VAL D 34 -11.70 -3.88 -7.50
C VAL D 34 -11.21 -3.53 -8.90
N ALA D 35 -11.92 -2.62 -9.56
CA ALA D 35 -11.61 -2.20 -10.93
C ALA D 35 -11.44 -0.70 -11.02
N TRP D 36 -10.73 -0.25 -12.07
CA TRP D 36 -10.51 1.16 -12.34
C TRP D 36 -10.96 1.48 -13.76
N TYR D 37 -11.58 2.65 -13.94
CA TYR D 37 -12.09 3.09 -15.23
C TYR D 37 -11.66 4.52 -15.53
N GLN D 38 -11.52 4.82 -16.82
CA GLN D 38 -11.19 6.15 -17.31
C GLN D 38 -12.29 6.64 -18.25
N GLN D 39 -12.72 7.88 -18.07
CA GLN D 39 -13.76 8.47 -18.91
C GLN D 39 -13.37 9.88 -19.32
N LYS D 40 -13.69 10.21 -20.57
CA LYS D 40 -13.52 11.52 -21.17
C LYS D 40 -14.89 12.10 -21.51
N PRO D 41 -15.01 13.43 -21.64
CA PRO D 41 -16.33 14.03 -21.84
C PRO D 41 -17.02 13.53 -23.11
N GLY D 42 -18.30 13.19 -22.96
CA GLY D 42 -19.10 12.64 -24.05
C GLY D 42 -18.69 11.28 -24.55
N LYS D 43 -18.36 10.36 -23.64
CA LYS D 43 -17.90 9.03 -24.03
C LYS D 43 -18.24 8.03 -22.94
N ALA D 44 -18.19 6.74 -23.30
CA ALA D 44 -18.42 5.65 -22.36
C ALA D 44 -17.14 5.32 -21.59
N PRO D 45 -17.26 4.84 -20.36
CA PRO D 45 -16.07 4.51 -19.57
C PRO D 45 -15.29 3.34 -20.13
N LYS D 46 -13.98 3.34 -19.83
CA LYS D 46 -13.05 2.29 -20.27
C LYS D 46 -12.40 1.64 -19.06
N LEU D 47 -12.13 0.33 -19.17
CA LEU D 47 -11.53 -0.43 -18.08
C LEU D 47 -10.01 -0.45 -18.19
N LEU D 48 -9.33 -0.27 -17.05
CA LEU D 48 -7.88 -0.32 -16.98
C LEU D 48 -7.38 -1.49 -16.14
N ILE D 49 -7.80 -1.58 -14.87
CA ILE D 49 -7.37 -2.61 -13.94
C ILE D 49 -8.62 -3.38 -13.51
N TYR D 50 -8.50 -4.72 -13.37
CA TYR D 50 -9.69 -5.52 -13.06
C TYR D 50 -9.58 -6.46 -11.87
N SER D 51 -8.43 -6.57 -11.22
CA SER D 51 -8.35 -7.37 -9.99
C SER D 51 -7.50 -6.68 -8.94
N ALA D 52 -7.45 -5.35 -8.99
CA ALA D 52 -6.68 -4.45 -8.14
C ALA D 52 -5.18 -4.52 -8.43
N SER D 53 -4.76 -5.46 -9.29
CA SER D 53 -3.37 -5.52 -9.71
C SER D 53 -3.17 -5.96 -11.15
N SER D 54 -4.23 -6.20 -11.91
CA SER D 54 -4.10 -6.82 -13.23
C SER D 54 -4.45 -5.83 -14.33
N LEU D 55 -3.62 -5.82 -15.38
CA LEU D 55 -3.78 -4.90 -16.48
C LEU D 55 -4.66 -5.52 -17.57
N TYR D 56 -5.69 -4.77 -17.99
CA TYR D 56 -6.51 -5.20 -19.09
C TYR D 56 -5.76 -5.10 -20.41
N SER D 57 -6.20 -5.89 -21.40
CA SER D 57 -5.53 -5.93 -22.68
C SER D 57 -5.66 -4.59 -23.41
N GLY D 58 -4.55 -4.10 -23.94
CA GLY D 58 -4.53 -2.86 -24.68
C GLY D 58 -4.19 -1.61 -23.88
N VAL D 59 -4.20 -1.70 -22.56
CA VAL D 59 -3.88 -0.55 -21.72
C VAL D 59 -2.37 -0.39 -21.63
N PRO D 60 -1.83 0.81 -21.79
CA PRO D 60 -0.37 1.00 -21.67
C PRO D 60 0.12 0.74 -20.25
N SER D 61 1.39 0.36 -20.17
CA SER D 61 1.97 -0.17 -18.94
C SER D 61 2.31 0.88 -17.90
N ARG D 62 2.20 2.17 -18.22
CA ARG D 62 2.46 3.20 -17.23
C ARG D 62 1.37 3.28 -16.17
N PHE D 63 0.24 2.62 -16.37
CA PHE D 63 -0.81 2.52 -15.36
C PHE D 63 -0.50 1.34 -14.44
N SER D 64 -0.48 1.60 -13.14
CA SER D 64 -0.19 0.56 -12.17
C SER D 64 -1.23 0.60 -11.06
N GLY D 65 -1.50 -0.57 -10.49
CA GLY D 65 -2.44 -0.66 -9.39
C GLY D 65 -1.93 -1.56 -8.28
N SER D 66 -2.21 -1.20 -7.03
CA SER D 66 -1.75 -1.99 -5.90
C SER D 66 -2.81 -2.05 -4.82
N ARG D 67 -2.76 -3.11 -4.02
CA ARG D 67 -3.69 -3.36 -2.94
C ARG D 67 -2.92 -3.57 -1.64
N SER D 68 -3.41 -2.97 -0.56
CA SER D 68 -2.84 -3.20 0.76
C SER D 68 -3.90 -2.88 1.80
N GLY D 69 -4.41 -3.89 2.48
CA GLY D 69 -5.30 -3.70 3.62
C GLY D 69 -6.57 -2.93 3.33
N THR D 70 -7.27 -3.30 2.26
CA THR D 70 -8.45 -2.58 1.75
C THR D 70 -8.12 -1.13 1.40
N ASP D 71 -6.89 -0.87 0.97
CA ASP D 71 -6.50 0.42 0.40
C ASP D 71 -5.92 0.18 -0.98
N PHE D 72 -6.49 0.82 -1.99
CA PHE D 72 -6.13 0.57 -3.37
C PHE D 72 -5.54 1.83 -3.99
N THR D 73 -4.49 1.64 -4.77
CA THR D 73 -3.73 2.76 -5.32
C THR D 73 -3.61 2.62 -6.82
N LEU D 74 -3.90 3.69 -7.55
CA LEU D 74 -3.62 3.79 -8.97
C LEU D 74 -2.51 4.81 -9.19
N THR D 75 -1.52 4.44 -10.00
CA THR D 75 -0.34 5.25 -10.20
C THR D 75 -0.06 5.41 -11.69
N ILE D 76 0.29 6.63 -12.08
CA ILE D 76 0.84 6.93 -13.40
C ILE D 76 2.26 7.44 -13.19
N SER D 77 3.24 6.71 -13.71
CA SER D 77 4.64 7.01 -13.42
C SER D 77 5.08 8.31 -14.08
N SER D 78 4.79 8.47 -15.36
CA SER D 78 5.09 9.70 -16.08
C SER D 78 3.85 10.08 -16.87
N LEU D 79 3.19 11.17 -16.46
CA LEU D 79 1.93 11.57 -17.06
C LEU D 79 2.15 12.00 -18.51
N GLN D 80 1.15 11.76 -19.34
CA GLN D 80 1.15 12.08 -20.76
C GLN D 80 -0.07 12.94 -21.08
N PRO D 81 0.00 13.74 -22.15
CA PRO D 81 -1.09 14.69 -22.43
C PRO D 81 -2.45 14.06 -22.67
N GLU D 82 -2.51 12.77 -23.03
CA GLU D 82 -3.77 12.09 -23.25
C GLU D 82 -4.37 11.51 -21.97
N ASP D 83 -3.71 11.69 -20.82
CA ASP D 83 -4.19 11.16 -19.56
C ASP D 83 -5.03 12.17 -18.78
N PHE D 84 -5.33 13.33 -19.36
CA PHE D 84 -6.14 14.34 -18.69
C PHE D 84 -7.61 13.97 -18.87
N ALA D 85 -8.17 13.29 -17.88
CA ALA D 85 -9.52 12.75 -17.95
C ALA D 85 -10.04 12.57 -16.53
N THR D 86 -11.12 11.81 -16.39
CA THR D 86 -11.69 11.51 -15.08
C THR D 86 -11.55 10.00 -14.82
N TYR D 87 -11.33 9.64 -13.56
CA TYR D 87 -11.01 8.26 -13.17
C TYR D 87 -11.93 7.79 -12.06
N TYR D 88 -12.37 6.53 -12.15
CA TYR D 88 -13.32 5.95 -11.21
C TYR D 88 -12.81 4.61 -10.69
N CYS D 89 -13.19 4.29 -9.46
CA CYS D 89 -12.91 2.98 -8.85
C CYS D 89 -14.23 2.28 -8.52
N GLN D 90 -14.30 0.98 -8.81
CA GLN D 90 -15.50 0.16 -8.64
C GLN D 90 -15.18 -1.06 -7.78
N GLN D 91 -16.11 -1.42 -6.91
CA GLN D 91 -16.12 -2.73 -6.26
C GLN D 91 -17.26 -3.57 -6.82
N TYR D 92 -16.96 -4.85 -7.07
CA TYR D 92 -17.94 -5.82 -7.54
C TYR D 92 -17.77 -7.10 -6.73
N LEU D 93 -18.81 -7.47 -5.98
CA LEU D 93 -18.69 -8.67 -5.14
C LEU D 93 -19.68 -9.75 -5.55
N TYR D 94 -20.95 -9.39 -5.74
CA TYR D 94 -21.96 -10.27 -6.29
C TYR D 94 -22.60 -9.56 -7.48
N TYR D 95 -23.52 -10.25 -8.17
CA TYR D 95 -24.17 -9.64 -9.32
C TYR D 95 -25.03 -8.45 -8.91
N SER D 96 -25.57 -8.47 -7.69
CA SER D 96 -26.35 -7.37 -7.17
C SER D 96 -25.53 -6.42 -6.30
N LEU D 97 -24.22 -6.64 -6.20
CA LEU D 97 -23.34 -5.85 -5.33
C LEU D 97 -22.29 -5.20 -6.21
N VAL D 98 -22.61 -4.02 -6.73
CA VAL D 98 -21.75 -3.22 -7.59
C VAL D 98 -21.80 -1.77 -7.13
N THR D 99 -20.64 -1.18 -6.84
CA THR D 99 -20.59 0.20 -6.37
C THR D 99 -19.44 0.93 -7.05
N PHE D 100 -19.68 2.20 -7.35
CA PHE D 100 -18.71 3.06 -8.01
C PHE D 100 -18.19 4.13 -7.06
N GLY D 101 -17.09 4.78 -7.48
CA GLY D 101 -16.54 5.92 -6.78
C GLY D 101 -17.12 7.23 -7.28
N GLN D 102 -16.48 8.32 -6.88
CA GLN D 102 -16.97 9.65 -7.20
C GLN D 102 -16.19 10.38 -8.29
N GLY D 103 -14.94 10.01 -8.53
CA GLY D 103 -14.20 10.56 -9.64
C GLY D 103 -13.05 11.45 -9.19
N THR D 104 -12.11 11.66 -10.10
CA THR D 104 -10.96 12.52 -9.88
C THR D 104 -10.51 13.08 -11.21
N LYS D 105 -10.47 14.40 -11.34
CA LYS D 105 -10.11 15.06 -12.58
C LYS D 105 -8.71 15.64 -12.50
N VAL D 106 -7.95 15.49 -13.57
CA VAL D 106 -6.56 15.95 -13.65
C VAL D 106 -6.45 17.02 -14.72
N GLU D 107 -5.71 18.09 -14.43
CA GLU D 107 -5.56 19.22 -15.34
C GLU D 107 -4.13 19.74 -15.29
N ILE D 108 -3.89 20.82 -16.03
CA ILE D 108 -2.55 21.32 -16.35
C ILE D 108 -2.19 22.45 -15.42
N LYS D 109 -0.90 22.55 -15.08
CA LYS D 109 -0.38 23.56 -14.17
C LYS D 109 0.34 24.65 -14.93
N ARG D 110 0.12 25.90 -14.53
CA ARG D 110 0.81 27.06 -15.10
C ARG D 110 0.92 28.13 -14.02
N THR D 111 1.38 29.33 -14.41
CA THR D 111 1.59 30.41 -13.46
C THR D 111 0.32 31.23 -13.24
N VAL D 112 0.29 31.91 -12.11
CA VAL D 112 -0.92 32.61 -11.67
C VAL D 112 -1.13 33.87 -12.50
N ALA D 113 -2.37 34.05 -12.96
CA ALA D 113 -2.79 35.25 -13.68
C ALA D 113 -4.04 35.82 -13.00
N ALA D 114 -4.12 37.15 -12.96
CA ALA D 114 -5.25 37.80 -12.30
C ALA D 114 -6.35 38.10 -13.31
N PRO D 115 -7.62 37.98 -12.91
CA PRO D 115 -8.71 38.16 -13.87
C PRO D 115 -8.89 39.61 -14.29
N SER D 116 -9.51 39.79 -15.45
CA SER D 116 -9.99 41.09 -15.90
C SER D 116 -11.51 41.12 -15.81
N VAL D 117 -12.05 42.20 -15.25
CA VAL D 117 -13.45 42.28 -14.84
C VAL D 117 -14.19 43.30 -15.69
N PHE D 118 -15.35 42.91 -16.22
CA PHE D 118 -16.20 43.79 -16.99
C PHE D 118 -17.66 43.65 -16.55
N ILE D 119 -18.46 44.68 -16.81
CA ILE D 119 -19.85 44.75 -16.39
C ILE D 119 -20.68 45.35 -17.53
N PHE D 120 -21.87 44.80 -17.76
CA PHE D 120 -22.73 45.27 -18.85
C PHE D 120 -24.12 45.63 -18.32
N PRO D 121 -24.61 46.83 -18.60
CA PRO D 121 -25.97 47.20 -18.16
C PRO D 121 -27.02 46.55 -19.04
N PRO D 122 -28.27 46.49 -18.58
CA PRO D 122 -29.33 45.87 -19.40
C PRO D 122 -29.67 46.72 -20.61
N SER D 123 -30.15 46.03 -21.65
CA SER D 123 -30.54 46.68 -22.88
C SER D 123 -31.92 47.32 -22.74
N ASP D 124 -32.22 48.26 -23.64
CA ASP D 124 -33.50 48.96 -23.60
C ASP D 124 -34.65 48.09 -24.10
N SER D 125 -34.39 47.19 -25.05
CA SER D 125 -35.44 46.34 -25.58
C SER D 125 -35.94 45.35 -24.55
N GLN D 126 -35.03 44.80 -23.74
CA GLN D 126 -35.43 43.84 -22.70
C GLN D 126 -36.28 44.50 -21.63
N LEU D 127 -36.08 45.81 -21.39
CA LEU D 127 -36.90 46.51 -20.41
C LEU D 127 -38.35 46.63 -20.87
N LYS D 128 -38.58 46.65 -22.18
CA LYS D 128 -39.94 46.62 -22.70
C LYS D 128 -40.62 45.30 -22.39
N SER D 129 -39.88 44.19 -22.50
CA SER D 129 -40.45 42.87 -22.26
C SER D 129 -40.89 42.70 -20.81
N GLY D 130 -40.10 43.19 -19.86
CA GLY D 130 -40.47 43.09 -18.46
C GLY D 130 -39.43 42.43 -17.59
N THR D 131 -38.20 42.31 -18.09
CA THR D 131 -37.10 41.73 -17.33
C THR D 131 -35.86 42.58 -17.54
N ALA D 132 -34.92 42.48 -16.61
CA ALA D 132 -33.64 43.18 -16.71
C ALA D 132 -32.54 42.24 -16.25
N SER D 133 -31.57 41.97 -17.12
CA SER D 133 -30.47 41.06 -16.83
C SER D 133 -29.16 41.80 -16.95
N VAL D 134 -28.35 41.74 -15.89
CA VAL D 134 -27.05 42.39 -15.82
C VAL D 134 -25.98 41.31 -15.76
N VAL D 135 -24.95 41.42 -16.59
CA VAL D 135 -23.96 40.37 -16.73
C VAL D 135 -22.57 40.90 -16.38
N CYS D 136 -21.83 40.12 -15.61
CA CYS D 136 -20.47 40.45 -15.18
C CYS D 136 -19.54 39.36 -15.68
N LEU D 137 -18.43 39.77 -16.30
CA LEU D 137 -17.51 38.87 -16.98
C LEU D 137 -16.15 38.89 -16.30
N LEU D 138 -15.62 37.70 -16.03
CA LEU D 138 -14.26 37.51 -15.52
C LEU D 138 -13.46 36.78 -16.59
N ASN D 139 -12.34 37.37 -17.00
CA ASN D 139 -11.62 36.88 -18.16
C ASN D 139 -10.18 36.55 -17.81
N ASN D 140 -9.71 35.39 -18.30
CA ASN D 140 -8.29 35.05 -18.38
C ASN D 140 -7.62 35.06 -17.01
N PHE D 141 -8.05 34.14 -16.16
CA PHE D 141 -7.47 33.99 -14.83
C PHE D 141 -7.06 32.55 -14.59
N TYR D 142 -6.08 32.37 -13.70
CA TYR D 142 -5.61 31.08 -13.25
C TYR D 142 -5.11 31.29 -11.82
N PRO D 143 -5.40 30.36 -10.89
CA PRO D 143 -6.15 29.11 -11.02
C PRO D 143 -7.65 29.31 -11.13
N ARG D 144 -8.42 28.22 -11.06
CA ARG D 144 -9.86 28.28 -11.33
C ARG D 144 -10.62 28.95 -10.19
N GLU D 145 -10.09 28.89 -8.97
CA GLU D 145 -10.82 29.35 -7.79
C GLU D 145 -10.86 30.87 -7.76
N ALA D 146 -11.98 31.44 -8.22
CA ALA D 146 -12.22 32.87 -8.19
C ALA D 146 -13.59 33.13 -7.57
N LYS D 147 -13.72 34.27 -6.90
CA LYS D 147 -14.98 34.58 -6.21
C LYS D 147 -15.54 35.91 -6.67
N VAL D 148 -16.84 35.94 -6.92
CA VAL D 148 -17.57 37.11 -7.39
C VAL D 148 -18.61 37.49 -6.35
N GLN D 149 -18.61 38.74 -5.93
CA GLN D 149 -19.59 39.27 -5.00
C GLN D 149 -20.37 40.38 -5.69
N TRP D 150 -21.69 40.29 -5.64
CA TRP D 150 -22.57 41.23 -6.31
C TRP D 150 -23.31 42.05 -5.26
N LYS D 151 -23.40 43.36 -5.49
CA LYS D 151 -24.12 44.21 -4.56
C LYS D 151 -24.71 45.39 -5.30
N VAL D 152 -25.74 45.98 -4.68
CA VAL D 152 -26.38 47.19 -5.19
C VAL D 152 -26.04 48.38 -4.29
N ASP D 153 -26.34 48.28 -3.00
CA ASP D 153 -25.87 49.24 -2.02
C ASP D 153 -25.09 48.58 -0.88
N ASN D 154 -25.53 47.43 -0.39
CA ASN D 154 -24.79 46.70 0.62
C ASN D 154 -25.15 45.21 0.54
N ALA D 155 -24.28 44.43 -0.09
CA ALA D 155 -24.29 42.97 -0.04
C ALA D 155 -25.65 42.39 -0.48
N LEU D 156 -25.99 42.62 -1.74
CA LEU D 156 -27.23 42.10 -2.31
C LEU D 156 -26.90 40.77 -2.97
N GLN D 157 -26.90 39.70 -2.18
CA GLN D 157 -26.66 38.36 -2.66
C GLN D 157 -27.86 37.44 -2.52
N SER D 158 -28.99 37.95 -2.02
CA SER D 158 -30.20 37.16 -1.97
C SER D 158 -30.73 36.89 -3.38
N GLY D 159 -30.59 37.85 -4.28
CA GLY D 159 -31.08 37.68 -5.63
C GLY D 159 -30.32 36.59 -6.37
N ASN D 160 -31.05 35.89 -7.24
CA ASN D 160 -30.49 34.74 -7.93
C ASN D 160 -29.47 35.18 -8.97
N SER D 161 -28.30 34.56 -8.95
CA SER D 161 -27.18 34.93 -9.81
C SER D 161 -26.59 33.64 -10.37
N GLN D 162 -26.89 33.34 -11.62
CA GLN D 162 -26.42 32.09 -12.22
C GLN D 162 -25.05 32.27 -12.83
N GLU D 163 -24.15 31.34 -12.55
CA GLU D 163 -22.76 31.41 -12.99
C GLU D 163 -22.45 30.23 -13.91
N SER D 164 -21.70 30.50 -14.97
CA SER D 164 -21.24 29.46 -15.86
C SER D 164 -19.76 29.63 -16.14
N VAL D 165 -19.03 28.51 -16.15
CA VAL D 165 -17.59 28.48 -16.33
C VAL D 165 -17.27 27.68 -17.57
N THR D 166 -16.40 28.22 -18.42
CA THR D 166 -15.92 27.47 -19.57
C THR D 166 -14.93 26.40 -19.11
N GLU D 167 -14.59 25.51 -20.04
CA GLU D 167 -13.53 24.56 -19.78
C GLU D 167 -12.17 25.26 -19.85
N GLN D 168 -11.12 24.52 -19.50
CA GLN D 168 -9.77 25.06 -19.62
C GLN D 168 -9.44 25.34 -21.07
N ASP D 169 -8.88 26.53 -21.33
CA ASP D 169 -8.60 26.94 -22.69
C ASP D 169 -7.52 26.06 -23.31
N SER D 170 -7.64 25.84 -24.62
CA SER D 170 -6.67 25.02 -25.32
C SER D 170 -5.35 25.76 -25.57
N LYS D 171 -5.41 27.09 -25.69
CA LYS D 171 -4.21 27.85 -26.02
C LYS D 171 -3.36 28.14 -24.79
N ASP D 172 -3.91 28.88 -23.83
CA ASP D 172 -3.15 29.33 -22.67
C ASP D 172 -3.60 28.69 -21.37
N SER D 173 -4.56 27.76 -21.42
CA SER D 173 -5.00 26.99 -20.26
C SER D 173 -5.52 27.88 -19.13
N THR D 174 -6.20 28.95 -19.48
CA THR D 174 -6.81 29.85 -18.52
C THR D 174 -8.33 29.66 -18.51
N TYR D 175 -9.02 30.48 -17.73
CA TYR D 175 -10.46 30.30 -17.52
C TYR D 175 -11.21 31.61 -17.76
N SER D 176 -12.48 31.46 -18.13
CA SER D 176 -13.40 32.58 -18.22
C SER D 176 -14.67 32.20 -17.48
N LEU D 177 -15.29 33.18 -16.83
CA LEU D 177 -16.46 32.94 -16.01
C LEU D 177 -17.49 34.04 -16.27
N SER D 178 -18.76 33.66 -16.30
CA SER D 178 -19.84 34.61 -16.53
C SER D 178 -20.84 34.51 -15.39
N SER D 179 -21.24 35.65 -14.86
CA SER D 179 -22.22 35.73 -13.78
C SER D 179 -23.37 36.61 -14.23
N THR D 180 -24.58 36.05 -14.27
CA THR D 180 -25.75 36.77 -14.73
C THR D 180 -26.71 36.96 -13.57
N LEU D 181 -27.23 38.18 -13.43
CA LEU D 181 -28.19 38.54 -12.38
C LEU D 181 -29.41 39.14 -13.06
N THR D 182 -30.55 38.46 -12.96
CA THR D 182 -31.75 38.86 -13.67
C THR D 182 -32.89 39.14 -12.68
N LEU D 183 -33.58 40.26 -12.89
CA LEU D 183 -34.66 40.71 -12.04
C LEU D 183 -35.82 41.18 -12.92
N SER D 184 -36.91 41.58 -12.27
CA SER D 184 -38.04 42.18 -12.96
C SER D 184 -37.72 43.61 -13.37
N LYS D 185 -38.59 44.19 -14.20
CA LYS D 185 -38.37 45.55 -14.68
C LYS D 185 -38.50 46.56 -13.55
N ALA D 186 -39.55 46.44 -12.74
CA ALA D 186 -39.77 47.39 -11.64
C ALA D 186 -38.64 47.33 -10.63
N ASP D 187 -38.16 46.11 -10.32
CA ASP D 187 -37.01 45.96 -9.44
C ASP D 187 -35.76 46.59 -10.02
N TYR D 188 -35.71 46.77 -11.35
CA TYR D 188 -34.57 47.48 -11.95
C TYR D 188 -34.63 48.98 -11.71
N GLU D 189 -35.81 49.53 -11.43
CA GLU D 189 -35.97 50.97 -11.27
C GLU D 189 -35.86 51.44 -9.82
N LYS D 190 -35.62 50.53 -8.88
CA LYS D 190 -35.57 50.93 -7.48
C LYS D 190 -34.29 51.70 -7.16
N HIS D 191 -33.16 51.26 -7.67
CA HIS D 191 -31.88 51.86 -7.37
C HIS D 191 -31.20 52.32 -8.67
N LYS D 192 -29.97 52.81 -8.53
CA LYS D 192 -29.26 53.41 -9.65
C LYS D 192 -27.84 52.89 -9.84
N VAL D 193 -27.21 52.30 -8.83
CA VAL D 193 -25.83 51.86 -8.92
C VAL D 193 -25.76 50.34 -8.82
N TYR D 194 -24.90 49.74 -9.62
CA TYR D 194 -24.61 48.32 -9.52
C TYR D 194 -23.10 48.13 -9.60
N ALA D 195 -22.61 47.04 -9.00
CA ALA D 195 -21.17 46.83 -8.94
C ALA D 195 -20.86 45.34 -8.81
N CYS D 196 -19.68 44.97 -9.31
CA CYS D 196 -19.05 43.68 -9.11
C CYS D 196 -17.83 43.85 -8.22
N GLU D 197 -17.57 42.85 -7.39
CA GLU D 197 -16.30 42.77 -6.66
C GLU D 197 -15.71 41.37 -6.84
N VAL D 198 -14.57 41.31 -7.50
CA VAL D 198 -13.92 40.06 -7.87
C VAL D 198 -12.68 39.89 -7.00
N THR D 199 -12.51 38.70 -6.43
CA THR D 199 -11.31 38.38 -5.68
C THR D 199 -10.70 37.09 -6.18
N HIS D 200 -9.37 37.04 -6.11
CA HIS D 200 -8.55 35.97 -6.66
C HIS D 200 -7.25 35.91 -5.86
N GLN D 201 -6.58 34.76 -5.93
CA GLN D 201 -5.39 34.55 -5.13
C GLN D 201 -4.21 35.41 -5.60
N GLY D 202 -4.15 35.73 -6.88
CA GLY D 202 -3.09 36.58 -7.40
C GLY D 202 -3.46 38.04 -7.46
N LEU D 203 -3.95 38.60 -6.35
CA LEU D 203 -4.49 39.95 -6.32
C LEU D 203 -4.37 40.49 -4.91
N SER D 204 -3.73 41.66 -4.75
CA SER D 204 -3.53 42.21 -3.42
C SER D 204 -4.85 42.61 -2.77
N SER D 205 -5.71 43.30 -3.51
CA SER D 205 -6.98 43.80 -3.04
C SER D 205 -8.06 43.47 -4.07
N PRO D 206 -9.31 43.28 -3.62
CA PRO D 206 -10.38 42.96 -4.57
C PRO D 206 -10.62 44.07 -5.59
N VAL D 207 -11.05 43.66 -6.78
CA VAL D 207 -11.28 44.58 -7.90
C VAL D 207 -12.78 44.86 -7.98
N THR D 208 -13.15 46.14 -7.94
CA THR D 208 -14.56 46.53 -8.01
C THR D 208 -14.83 47.32 -9.29
N LYS D 209 -15.94 46.99 -9.95
CA LYS D 209 -16.35 47.64 -11.19
C LYS D 209 -17.82 48.02 -11.07
N SER D 210 -18.14 49.30 -11.24
CA SER D 210 -19.47 49.79 -10.98
C SER D 210 -19.98 50.61 -12.15
N PHE D 211 -21.30 50.64 -12.29
CA PHE D 211 -21.96 51.56 -13.23
C PHE D 211 -23.18 52.17 -12.57
N ASN D 212 -23.52 53.37 -13.02
CA ASN D 212 -24.63 54.16 -12.50
C ASN D 212 -25.71 54.29 -13.56
N ARG D 213 -26.97 54.25 -13.13
CA ARG D 213 -28.11 54.36 -14.05
C ARG D 213 -28.21 55.76 -14.63
C1 NAG E . 61.09 -32.83 36.05
C2 NAG E . 61.52 -31.50 36.67
C3 NAG E . 62.14 -30.60 35.59
C4 NAG E . 63.27 -31.34 34.86
C5 NAG E . 62.75 -32.70 34.36
C6 NAG E . 63.81 -33.54 33.69
C7 NAG E . 60.10 -30.94 38.61
C8 NAG E . 58.88 -30.17 39.04
N2 NAG E . 60.39 -30.85 37.29
O3 NAG E . 62.61 -29.43 36.20
O4 NAG E . 63.70 -30.52 33.81
O5 NAG E . 62.22 -33.43 35.44
O6 NAG E . 64.87 -33.76 34.59
O7 NAG E . 60.75 -31.59 39.40
C1 A1BI8 F . 38.49 -39.25 31.67
C2 A1BI8 F . 34.92 -36.97 35.71
C3 A1BI8 F . 34.86 -36.64 37.04
C4 A1BI8 F . 35.70 -37.24 37.95
C5 A1BI8 F . 36.65 -38.20 37.58
C6 A1BI8 F . 37.58 -38.87 38.55
C9 A1BI8 F . 37.05 -39.83 39.62
C13 A1BI8 F . 36.46 -39.43 26.74
C19 A1BI8 F . 34.83 -37.14 24.60
C23 A1BI8 F . 35.96 -39.31 31.81
C27 A1BI8 F . 36.07 -39.41 33.28
C10 A1BI8 F . 37.00 -39.11 29.64
C11 A1BI8 F . 35.75 -39.07 29.04
C12 A1BI8 F . 37.12 -39.22 31.03
C14 A1BI8 F . 36.60 -38.56 25.47
C15 A1BI8 F . 37.40 -37.27 25.68
C16 A1BI8 F . 37.04 -35.06 26.86
C17 A1BI8 F . 35.39 -36.00 25.20
C18 A1BI8 F . 34.71 -34.80 25.03
C20 A1BI8 F . 33.66 -37.06 23.88
C21 A1BI8 F . 33.01 -35.85 23.73
C22 A1BI8 F . 33.55 -34.72 24.31
C24 A1BI8 F . 34.69 -39.27 31.21
C25 A1BI8 F . 34.62 -39.15 29.83
C26 A1BI8 F . 33.42 -39.36 32.00
C28 A1BI8 F . 35.83 -37.91 35.28
C29 A1BI8 F . 36.67 -38.51 36.21
C7 A1BI8 F . 38.74 -38.04 38.93
C8 A1BI8 F . 37.83 -40.38 38.47
N1 A1BI8 F . 35.83 -38.19 33.90
N2 A1BI8 F . 36.58 -36.09 25.94
O1 A1BI8 F . 36.33 -40.48 33.80
O2 A1BI8 F . 39.44 -38.39 39.91
O3 A1BI8 F . 38.97 -37.00 38.25
O4 A1BI8 F . 35.49 -38.93 27.67
O5 A1BI8 F . 35.38 -38.42 24.70
CL1 A1BI8 F . 35.54 -36.75 39.60
#